data_4B8M
#
_entry.id   4B8M
#
_cell.length_a   45.787
_cell.length_b   67.259
_cell.length_c   116.755
_cell.angle_alpha   90.00
_cell.angle_beta   96.58
_cell.angle_gamma   90.00
#
_symmetry.space_group_name_H-M   'P 1 21 1'
#
loop_
_entity.id
_entity.type
_entity.pdbx_description
1 polymer 'AURORA KINASE B-A'
2 polymer 'INNER CENTROMERE PROTEIN A'
3 non-polymer 'CYCLOPROPANECARBOXYLIC ACID {4-[4-(4-METHYL-PIPERAZIN-1-YL)-6-(5-METHYL-2H-PYRAZOL-3-YLAMINO)-PYRIMIDIN-2-YLSULFANYL]-PHENYL}-AMIDE'
4 water water
#
loop_
_entity_poly.entity_id
_entity_poly.type
_entity_poly.pdbx_seq_one_letter_code
_entity_poly.pdbx_strand_id
1 'polypeptide(L)'
;ATALAEMPKRKFTIDDFDIGRPLGKGKFGNVYLAREKQNKFIMALKVLFKSQLEKEGVEHQLRREIEIQSHLRHPNILRM
YNYFHDRKRIYLMLEFAPRGELYKELQKHGRFDEQRSATFMEELADALHYCHERKVIHRDIKPENLLMGYKGELKIADFG
WSVHAPSLRRR(TPO)MCGTLDYLPPEMIEGKTHDEKVDLWCAGVLCYEFLVGMPPFDSPSHTETHRRIVNVDLKFPPFL
SDGSKDLISKLLRYHPPQRLPLKGVMEHPWVKANSRRVLPPVYQSTQSKD
;
A,B
2 'polypeptide(L)' PIPAWASGNLLTQAIRQQYYKPIDVDRMYGTIDSPKLEELFNKS C,D
#
# COMPACT_ATOMS: atom_id res chain seq x y z
N LYS A 11 25.62 20.62 -1.20
CA LYS A 11 26.52 20.31 -0.04
C LYS A 11 26.85 21.55 0.79
N PHE A 12 27.18 21.34 2.06
CA PHE A 12 27.44 22.42 3.00
C PHE A 12 28.87 22.92 2.96
N THR A 13 29.05 24.15 3.45
CA THR A 13 30.37 24.77 3.61
CA THR A 13 30.35 24.82 3.57
C THR A 13 30.41 25.45 4.96
N ILE A 14 31.62 25.68 5.48
CA ILE A 14 31.80 26.33 6.78
C ILE A 14 31.18 27.74 6.83
N ASP A 15 31.09 28.40 5.68
CA ASP A 15 30.50 29.73 5.62
C ASP A 15 28.97 29.71 5.80
N ASP A 16 28.37 28.52 5.75
CA ASP A 16 26.93 28.35 5.99
C ASP A 16 26.57 28.43 7.47
N PHE A 17 27.58 28.61 8.33
CA PHE A 17 27.40 28.56 9.78
C PHE A 17 28.02 29.77 10.48
N ASP A 18 27.29 30.33 11.43
CA ASP A 18 27.84 31.26 12.42
C ASP A 18 28.51 30.43 13.51
N ILE A 19 29.80 30.63 13.71
CA ILE A 19 30.51 29.95 14.81
C ILE A 19 30.31 30.76 16.08
N GLY A 20 29.85 30.09 17.12
CA GLY A 20 29.52 30.75 18.37
C GLY A 20 30.65 30.73 19.36
N ARG A 21 31.06 29.52 19.76
CA ARG A 21 32.15 29.33 20.73
C ARG A 21 32.58 27.87 20.76
N PRO A 22 33.84 27.60 21.18
CA PRO A 22 34.27 26.21 21.35
C PRO A 22 33.53 25.53 22.50
N LEU A 23 33.12 24.29 22.29
CA LEU A 23 32.49 23.50 23.32
C LEU A 23 33.50 22.57 23.98
N GLY A 24 34.39 22.00 23.18
CA GLY A 24 35.41 21.10 23.69
C GLY A 24 36.59 20.95 22.74
N LYS A 25 37.76 20.71 23.33
CA LYS A 25 38.96 20.36 22.58
C LYS A 25 38.96 18.86 22.31
N GLY A 26 39.59 18.47 21.22
CA GLY A 26 39.72 17.06 20.86
C GLY A 26 41.13 16.70 20.45
N LYS A 27 41.39 15.41 20.31
CA LYS A 27 42.71 14.93 19.89
C LYS A 27 42.95 15.17 18.42
N PHE A 28 41.87 15.37 17.66
CA PHE A 28 41.94 15.52 16.21
C PHE A 28 41.24 16.79 15.70
N GLY A 29 40.53 17.47 16.60
CA GLY A 29 39.89 18.73 16.30
C GLY A 29 38.82 19.13 17.31
N ASN A 30 38.46 20.40 17.30
CA ASN A 30 37.56 20.97 18.31
C ASN A 30 36.09 20.85 17.91
N VAL A 31 35.22 20.97 18.90
CA VAL A 31 33.78 21.03 18.67
C VAL A 31 33.31 22.46 19.01
N TYR A 32 32.44 23.00 18.15
CA TYR A 32 31.97 24.36 18.29
C TYR A 32 30.46 24.42 18.32
N LEU A 33 29.93 25.30 19.16
CA LEU A 33 28.54 25.70 19.06
C LEU A 33 28.41 26.53 17.79
N ALA A 34 27.50 26.12 16.91
CA ALA A 34 27.31 26.76 15.62
C ALA A 34 25.84 26.94 15.28
N ARG A 35 25.55 27.93 14.45
CA ARG A 35 24.21 28.17 13.97
C ARG A 35 24.19 28.13 12.45
N GLU A 36 23.40 27.21 11.90
CA GLU A 36 23.18 27.13 10.45
C GLU A 36 22.41 28.38 10.02
N LYS A 37 22.99 29.13 9.09
CA LYS A 37 22.50 30.48 8.75
C LYS A 37 21.10 30.54 8.16
N GLN A 38 20.74 29.60 7.29
CA GLN A 38 19.48 29.70 6.59
C GLN A 38 18.25 29.29 7.41
N ASN A 39 18.44 28.39 8.37
CA ASN A 39 17.37 27.95 9.24
C ASN A 39 17.52 28.51 10.66
N LYS A 40 18.57 29.29 10.88
CA LYS A 40 18.95 29.76 12.21
C LYS A 40 18.85 28.64 13.26
N PHE A 41 19.33 27.46 12.86
CA PHE A 41 19.24 26.25 13.67
C PHE A 41 20.57 25.98 14.36
N ILE A 42 20.51 25.83 15.69
CA ILE A 42 21.68 25.67 16.51
C ILE A 42 22.11 24.21 16.63
N MET A 43 23.38 23.97 16.33
CA MET A 43 23.93 22.63 16.37
C MET A 43 25.37 22.69 16.86
N ALA A 44 26.02 21.53 16.89
CA ALA A 44 27.43 21.45 17.18
C ALA A 44 28.18 21.09 15.89
N LEU A 45 29.38 21.65 15.74
CA LEU A 45 30.21 21.32 14.60
C LEU A 45 31.52 20.75 15.11
N LYS A 46 31.76 19.47 14.84
CA LYS A 46 33.01 18.83 15.16
C LYS A 46 33.92 18.99 13.95
N VAL A 47 35.09 19.59 14.18
CA VAL A 47 36.02 19.88 13.09
C VAL A 47 37.25 19.00 13.23
N LEU A 48 37.55 18.22 12.19
CA LEU A 48 38.69 17.31 12.20
CA LEU A 48 38.69 17.32 12.20
C LEU A 48 39.69 17.69 11.11
N PHE A 49 40.97 17.62 11.44
CA PHE A 49 42.04 17.92 10.47
C PHE A 49 42.46 16.69 9.68
N LYS A 50 42.36 16.81 8.35
CA LYS A 50 42.64 15.69 7.44
C LYS A 50 44.04 15.11 7.57
N SER A 51 45.06 15.98 7.71
CA SER A 51 46.45 15.54 7.81
CA SER A 51 46.45 15.53 7.81
C SER A 51 46.74 14.81 9.13
N GLN A 52 46.15 15.31 10.21
CA GLN A 52 46.32 14.71 11.52
C GLN A 52 45.71 13.30 11.58
N LEU A 53 44.52 13.15 10.99
CA LEU A 53 43.86 11.85 10.90
C LEU A 53 44.68 10.87 10.07
N GLU A 54 45.26 11.35 8.96
CA GLU A 54 46.08 10.50 8.10
C GLU A 54 47.39 10.10 8.78
N LYS A 55 48.06 11.06 9.41
CA LYS A 55 49.31 10.80 10.13
C LYS A 55 49.14 9.76 11.23
N GLU A 56 48.03 9.86 11.95
CA GLU A 56 47.72 8.94 13.05
C GLU A 56 47.17 7.61 12.54
N GLY A 57 46.81 7.56 11.26
CA GLY A 57 46.31 6.34 10.62
C GLY A 57 44.94 5.90 11.09
N VAL A 58 44.08 6.86 11.41
CA VAL A 58 42.73 6.56 11.93
C VAL A 58 41.60 6.84 10.93
N GLU A 59 41.94 6.84 9.63
CA GLU A 59 40.98 7.20 8.59
C GLU A 59 39.81 6.21 8.47
N HIS A 60 40.11 4.93 8.45
CA HIS A 60 39.08 3.89 8.35
C HIS A 60 38.26 3.82 9.63
N GLN A 61 38.91 4.12 10.75
CA GLN A 61 38.29 4.21 12.07
C GLN A 61 37.23 5.30 12.11
N LEU A 62 37.58 6.49 11.61
CA LEU A 62 36.66 7.61 11.57
C LEU A 62 35.52 7.35 10.60
N ARG A 63 35.85 6.77 9.45
CA ARG A 63 34.86 6.39 8.45
C ARG A 63 33.80 5.45 9.05
N ARG A 64 34.23 4.53 9.90
CA ARG A 64 33.33 3.57 10.56
C ARG A 64 32.39 4.25 11.55
N GLU A 65 32.94 5.17 12.35
CA GLU A 65 32.15 5.94 13.32
C GLU A 65 31.09 6.79 12.64
N ILE A 66 31.46 7.42 11.52
CA ILE A 66 30.52 8.24 10.77
C ILE A 66 29.44 7.37 10.12
N GLU A 67 29.85 6.24 9.56
CA GLU A 67 28.90 5.31 8.92
C GLU A 67 27.84 4.87 9.92
N ILE A 68 28.26 4.48 11.12
CA ILE A 68 27.32 4.02 12.15
C ILE A 68 26.45 5.17 12.68
N GLN A 69 27.06 6.21 13.23
CA GLN A 69 26.30 7.29 13.83
C GLN A 69 25.33 8.02 12.88
N SER A 70 25.73 8.20 11.63
CA SER A 70 24.92 8.96 10.67
C SER A 70 23.66 8.23 10.18
N HIS A 71 23.55 6.94 10.52
CA HIS A 71 22.40 6.13 10.12
C HIS A 71 21.51 5.75 11.32
N LEU A 72 21.79 6.36 12.47
CA LEU A 72 20.99 6.15 13.69
C LEU A 72 20.09 7.36 13.97
N ARG A 73 18.81 7.09 14.23
CA ARG A 73 17.83 8.14 14.52
C ARG A 73 17.00 7.74 15.73
N HIS A 74 17.39 8.24 16.88
CA HIS A 74 16.71 7.92 18.14
C HIS A 74 16.81 9.12 19.07
N PRO A 75 15.74 9.41 19.85
CA PRO A 75 15.79 10.56 20.76
C PRO A 75 16.90 10.50 21.80
N ASN A 76 17.43 9.30 22.07
CA ASN A 76 18.49 9.18 23.05
C ASN A 76 19.85 8.83 22.45
N ILE A 77 19.97 9.08 21.15
CA ILE A 77 21.25 8.96 20.48
C ILE A 77 21.52 10.30 19.81
N LEU A 78 22.70 10.86 20.09
CA LEU A 78 23.09 12.14 19.53
C LEU A 78 23.07 12.04 18.00
N ARG A 79 22.31 12.91 17.36
CA ARG A 79 22.10 12.87 15.93
C ARG A 79 23.28 13.48 15.17
N MET A 80 23.67 12.83 14.07
CA MET A 80 24.60 13.42 13.10
C MET A 80 23.75 13.75 11.88
N TYR A 81 23.53 15.04 11.67
CA TYR A 81 22.61 15.54 10.65
C TYR A 81 23.17 15.34 9.26
N ASN A 82 24.47 15.56 9.14
CA ASN A 82 25.20 15.51 7.88
C ASN A 82 26.67 15.79 8.16
N TYR A 83 27.47 15.85 7.10
CA TYR A 83 28.89 16.14 7.20
C TYR A 83 29.38 16.70 5.87
N PHE A 84 30.50 17.40 5.91
CA PHE A 84 31.09 17.97 4.71
C PHE A 84 32.59 18.12 4.93
N HIS A 85 33.32 18.49 3.89
CA HIS A 85 34.75 18.71 4.02
C HIS A 85 35.20 19.84 3.11
N ASP A 86 36.36 20.41 3.43
CA ASP A 86 37.01 21.35 2.55
C ASP A 86 38.45 20.90 2.37
N ARG A 87 39.36 21.82 1.99
CA ARG A 87 40.75 21.45 1.70
C ARG A 87 41.48 20.77 2.85
N LYS A 88 41.24 21.25 4.07
CA LYS A 88 42.04 20.84 5.22
C LYS A 88 41.24 20.11 6.31
N ARG A 89 39.92 20.23 6.26
CA ARG A 89 39.10 19.82 7.40
C ARG A 89 37.89 18.97 7.02
N ILE A 90 37.51 18.10 7.94
CA ILE A 90 36.26 17.36 7.87
C ILE A 90 35.37 17.94 8.97
N TYR A 91 34.12 18.20 8.63
CA TYR A 91 33.16 18.81 9.55
C TYR A 91 31.98 17.89 9.78
N LEU A 92 31.66 17.63 11.05
CA LEU A 92 30.52 16.80 11.39
C LEU A 92 29.44 17.67 12.01
N MET A 93 28.24 17.62 11.42
CA MET A 93 27.12 18.42 11.90
C MET A 93 26.33 17.57 12.87
N LEU A 94 26.43 17.94 14.15
CA LEU A 94 25.90 17.14 15.26
C LEU A 94 24.83 17.90 16.03
N GLU A 95 23.88 17.14 16.57
CA GLU A 95 22.92 17.65 17.52
C GLU A 95 23.61 18.33 18.71
N PHE A 96 23.12 19.52 19.09
CA PHE A 96 23.63 20.20 20.27
C PHE A 96 22.91 19.70 21.53
N ALA A 97 23.68 19.25 22.51
CA ALA A 97 23.15 18.76 23.78
C ALA A 97 23.36 19.83 24.83
N PRO A 98 22.31 20.63 25.10
CA PRO A 98 22.43 21.90 25.82
C PRO A 98 22.91 21.77 27.25
N ARG A 99 22.63 20.62 27.88
CA ARG A 99 23.04 20.39 29.27
C ARG A 99 24.43 19.73 29.41
N GLY A 100 25.04 19.38 28.30
CA GLY A 100 26.45 18.99 28.28
C GLY A 100 26.76 17.58 28.76
N GLU A 101 27.96 17.43 29.32
CA GLU A 101 28.51 16.12 29.68
C GLU A 101 27.85 15.51 30.90
N LEU A 102 27.36 14.27 30.76
CA LEU A 102 26.79 13.54 31.88
C LEU A 102 27.85 13.32 32.98
N TYR A 103 29.08 13.01 32.58
CA TYR A 103 30.12 12.74 33.57
C TYR A 103 30.38 13.95 34.48
N LYS A 104 30.27 15.17 33.92
CA LYS A 104 30.45 16.40 34.72
C LYS A 104 29.39 16.56 35.79
N GLU A 105 28.17 16.16 35.45
CA GLU A 105 27.02 16.21 36.34
C GLU A 105 27.15 15.17 37.44
N LEU A 106 27.58 13.96 37.07
CA LEU A 106 27.82 12.92 38.07
C LEU A 106 28.91 13.35 39.05
N GLN A 107 30.00 13.91 38.55
CA GLN A 107 31.11 14.37 39.39
C GLN A 107 30.65 15.48 40.33
N LYS A 108 29.83 16.37 39.81
CA LYS A 108 29.29 17.50 40.56
C LYS A 108 28.41 17.06 41.73
N HIS A 109 27.60 16.01 41.51
CA HIS A 109 26.67 15.53 42.52
C HIS A 109 27.24 14.38 43.37
N GLY A 110 28.32 13.76 42.88
CA GLY A 110 28.88 12.57 43.52
C GLY A 110 28.16 11.29 43.10
N ARG A 111 26.85 11.26 43.31
CA ARG A 111 25.99 10.18 42.84
C ARG A 111 24.58 10.70 42.55
N PHE A 112 23.88 10.00 41.67
CA PHE A 112 22.51 10.33 41.32
C PHE A 112 21.49 9.63 42.20
N ASP A 113 20.36 10.29 42.42
CA ASP A 113 19.27 9.66 43.15
C ASP A 113 18.59 8.62 42.26
N GLU A 114 17.68 7.86 42.84
CA GLU A 114 17.05 6.76 42.10
C GLU A 114 16.24 7.23 40.91
N GLN A 115 15.53 8.34 41.05
CA GLN A 115 14.74 8.86 39.95
C GLN A 115 15.62 9.18 38.75
N ARG A 116 16.68 9.94 38.99
CA ARG A 116 17.62 10.34 37.94
C ARG A 116 18.20 9.11 37.25
N SER A 117 18.69 8.16 38.06
CA SER A 117 19.36 6.95 37.56
C SER A 117 18.40 6.06 36.76
N ALA A 118 17.20 5.85 37.30
CA ALA A 118 16.19 5.02 36.63
C ALA A 118 15.77 5.61 35.28
N THR A 119 15.64 6.95 35.24
CA THR A 119 15.31 7.62 33.97
C THR A 119 16.40 7.40 32.92
N PHE A 120 17.65 7.60 33.34
CA PHE A 120 18.80 7.37 32.47
C PHE A 120 18.80 5.93 31.97
N MET A 121 18.51 4.99 32.87
CA MET A 121 18.55 3.57 32.50
C MET A 121 17.49 3.23 31.46
N GLU A 122 16.28 3.78 31.60
CA GLU A 122 15.24 3.56 30.60
C GLU A 122 15.65 4.12 29.24
N GLU A 123 16.24 5.32 29.25
CA GLU A 123 16.69 5.98 28.02
C GLU A 123 17.83 5.21 27.34
N LEU A 124 18.78 4.77 28.16
CA LEU A 124 19.90 3.96 27.70
C LEU A 124 19.41 2.66 27.08
N ALA A 125 18.52 1.96 27.78
CA ALA A 125 18.01 0.68 27.31
C ALA A 125 17.25 0.81 25.99
N ASP A 126 16.46 1.89 25.87
CA ASP A 126 15.73 2.18 24.63
C ASP A 126 16.69 2.46 23.46
N ALA A 127 17.69 3.30 23.70
CA ALA A 127 18.71 3.61 22.69
C ALA A 127 19.49 2.36 22.28
N LEU A 128 19.93 1.58 23.27
CA LEU A 128 20.69 0.37 23.00
C LEU A 128 19.83 -0.68 22.28
N HIS A 129 18.54 -0.76 22.61
CA HIS A 129 17.64 -1.67 21.91
C HIS A 129 17.52 -1.31 20.43
N TYR A 130 17.39 -0.01 20.16
CA TYR A 130 17.39 0.51 18.80
C TYR A 130 18.68 0.09 18.05
N CYS A 131 19.83 0.24 18.69
CA CYS A 131 21.10 -0.19 18.09
C CYS A 131 21.16 -1.70 17.81
N HIS A 132 20.82 -2.50 18.82
CA HIS A 132 20.89 -3.96 18.71
C HIS A 132 19.91 -4.51 17.65
N GLU A 133 18.75 -3.88 17.52
CA GLU A 133 17.77 -4.16 16.47
C GLU A 133 18.42 -4.06 15.08
N ARG A 134 19.46 -3.25 15.00
CA ARG A 134 20.21 -3.00 13.76
C ARG A 134 21.57 -3.69 13.76
N LYS A 135 21.79 -4.56 14.76
CA LYS A 135 23.05 -5.29 14.90
C LYS A 135 24.26 -4.38 15.08
N VAL A 136 24.04 -3.24 15.75
CA VAL A 136 25.11 -2.37 16.19
C VAL A 136 25.36 -2.60 17.68
N ILE A 137 26.60 -2.92 18.03
CA ILE A 137 27.02 -3.06 19.42
C ILE A 137 27.83 -1.83 19.76
N HIS A 138 27.54 -1.20 20.88
CA HIS A 138 28.19 0.05 21.25
C HIS A 138 29.60 -0.20 21.78
N ARG A 139 29.69 -1.01 22.84
CA ARG A 139 30.96 -1.50 23.42
C ARG A 139 31.74 -0.52 24.28
N ASP A 140 31.19 0.66 24.54
CA ASP A 140 31.88 1.59 25.43
C ASP A 140 30.91 2.51 26.16
N ILE A 141 29.87 1.91 26.73
CA ILE A 141 28.91 2.66 27.52
C ILE A 141 29.60 3.00 28.84
N LYS A 142 29.69 4.29 29.14
CA LYS A 142 30.20 4.83 30.41
C LYS A 142 29.75 6.30 30.43
N PRO A 143 29.73 6.94 31.62
CA PRO A 143 29.24 8.33 31.71
C PRO A 143 29.89 9.30 30.73
N GLU A 144 31.22 9.19 30.54
CA GLU A 144 31.99 10.07 29.67
C GLU A 144 31.52 10.05 28.22
N ASN A 145 30.79 9.01 27.83
CA ASN A 145 30.30 8.92 26.46
C ASN A 145 28.84 9.34 26.30
N LEU A 146 28.30 9.95 27.35
CA LEU A 146 26.91 10.34 27.33
C LEU A 146 26.77 11.84 27.49
N LEU A 147 25.85 12.43 26.74
CA LEU A 147 25.50 13.84 26.90
C LEU A 147 24.06 13.98 27.38
N MET A 148 23.65 15.23 27.68
CA MET A 148 22.31 15.48 28.19
C MET A 148 21.58 16.56 27.42
N GLY A 149 20.34 16.27 27.07
CA GLY A 149 19.51 17.16 26.25
C GLY A 149 18.90 18.29 27.06
N TYR A 150 18.05 19.07 26.41
CA TYR A 150 17.40 20.24 27.02
C TYR A 150 16.65 19.90 28.31
N LYS A 151 15.96 18.76 28.33
CA LYS A 151 15.28 18.31 29.55
C LYS A 151 16.06 17.26 30.34
N GLY A 152 17.37 17.21 30.10
CA GLY A 152 18.24 16.26 30.80
C GLY A 152 18.26 14.85 30.22
N GLU A 153 17.66 14.67 29.05
CA GLU A 153 17.60 13.34 28.40
C GLU A 153 18.98 12.82 28.03
N LEU A 154 19.26 11.56 28.37
CA LEU A 154 20.50 10.91 27.98
C LEU A 154 20.63 10.91 26.45
N LYS A 155 21.86 11.16 25.97
CA LYS A 155 22.18 11.05 24.55
C LYS A 155 23.46 10.25 24.48
N ILE A 156 23.44 9.10 23.80
CA ILE A 156 24.67 8.40 23.51
C ILE A 156 25.38 9.24 22.46
N ALA A 157 26.61 9.66 22.77
CA ALA A 157 27.28 10.69 21.99
C ALA A 157 28.44 10.17 21.13
N ASP A 158 29.13 9.15 21.63
CA ASP A 158 30.40 8.66 21.11
C ASP A 158 30.23 7.20 20.65
N PHE A 159 30.66 6.90 19.41
CA PHE A 159 30.56 5.55 18.87
C PHE A 159 31.93 4.98 18.47
N GLY A 160 32.97 5.40 19.20
CA GLY A 160 34.36 5.08 18.88
C GLY A 160 34.76 3.63 18.92
N TRP A 161 34.11 2.83 19.76
CA TRP A 161 34.36 1.38 19.82
C TRP A 161 33.23 0.56 19.18
N SER A 162 32.26 1.24 18.56
CA SER A 162 31.08 0.60 18.03
C SER A 162 31.35 -0.24 16.77
N VAL A 163 30.54 -1.27 16.56
CA VAL A 163 30.70 -2.12 15.39
C VAL A 163 29.33 -2.58 14.87
N HIS A 164 29.20 -2.66 13.55
CA HIS A 164 28.06 -3.35 12.97
C HIS A 164 28.48 -4.81 12.85
N ALA A 165 27.81 -5.67 13.61
CA ALA A 165 28.16 -7.09 13.68
C ALA A 165 26.96 -7.99 13.33
N PRO A 166 26.64 -8.11 12.04
CA PRO A 166 25.45 -8.86 11.64
C PRO A 166 25.50 -10.37 11.88
N SER A 167 26.66 -10.98 11.73
CA SER A 167 26.74 -12.44 11.77
C SER A 167 27.86 -13.00 12.62
N LEU A 168 29.04 -12.40 12.51
CA LEU A 168 30.22 -12.91 13.21
C LEU A 168 30.28 -12.40 14.65
N ARG A 169 30.61 -13.30 15.58
CA ARG A 169 30.94 -12.90 16.93
C ARG A 169 32.25 -12.10 16.90
N ARG A 170 32.47 -11.28 17.92
CA ARG A 170 33.61 -10.36 17.94
C ARG A 170 34.75 -10.80 18.85
N ARG A 171 35.93 -10.25 18.59
CA ARG A 171 37.12 -10.65 19.31
C ARG A 171 37.87 -9.47 19.96
N MET A 173 39.22 -6.70 22.17
CA MET A 173 39.16 -6.17 23.51
C MET A 173 39.06 -4.66 23.39
N CYS A 174 37.97 -4.12 23.88
CA CYS A 174 37.74 -2.69 23.79
C CYS A 174 36.85 -2.15 24.90
N GLY A 175 36.86 -0.84 25.04
CA GLY A 175 36.04 -0.18 26.04
C GLY A 175 36.92 0.43 27.09
N THR A 176 36.50 0.31 28.34
CA THR A 176 37.16 0.99 29.44
C THR A 176 37.32 0.02 30.60
N LEU A 177 38.49 0.00 31.21
CA LEU A 177 38.87 -0.97 32.25
C LEU A 177 37.72 -1.36 33.20
N ASP A 178 37.17 -0.38 33.91
CA ASP A 178 36.13 -0.65 34.91
C ASP A 178 34.83 -1.21 34.34
N TYR A 179 34.64 -1.05 33.03
CA TYR A 179 33.42 -1.46 32.36
C TYR A 179 33.54 -2.77 31.56
N LEU A 180 34.74 -3.34 31.49
CA LEU A 180 34.96 -4.53 30.67
C LEU A 180 34.19 -5.75 31.18
N PRO A 181 33.50 -6.43 30.27
CA PRO A 181 32.81 -7.65 30.66
C PRO A 181 33.80 -8.82 30.82
N PRO A 182 33.45 -9.83 31.64
CA PRO A 182 34.31 -10.98 31.87
C PRO A 182 34.80 -11.64 30.58
N GLU A 183 33.93 -11.74 29.57
CA GLU A 183 34.28 -12.44 28.34
C GLU A 183 35.41 -11.75 27.56
N MET A 184 35.48 -10.43 27.65
CA MET A 184 36.57 -9.69 27.02
C MET A 184 37.88 -9.92 27.75
N ILE A 185 37.84 -9.86 29.07
CA ILE A 185 39.02 -10.10 29.91
C ILE A 185 39.60 -11.51 29.69
N GLU A 186 38.72 -12.48 29.54
CA GLU A 186 39.11 -13.88 29.37
C GLU A 186 39.46 -14.28 27.94
N GLY A 187 39.38 -13.32 27.01
CA GLY A 187 39.75 -13.57 25.62
C GLY A 187 38.77 -14.44 24.84
N LYS A 188 37.51 -14.45 25.27
CA LYS A 188 36.47 -15.20 24.56
C LYS A 188 35.95 -14.33 23.42
N THR A 189 35.15 -14.90 22.53
CA THR A 189 34.43 -14.07 21.57
C THR A 189 33.29 -13.38 22.32
N HIS A 190 32.87 -12.22 21.84
CA HIS A 190 31.74 -11.54 22.46
C HIS A 190 30.67 -11.16 21.46
N ASP A 191 29.52 -10.77 21.98
CA ASP A 191 28.41 -10.35 21.14
C ASP A 191 27.75 -9.12 21.73
N GLU A 192 26.51 -8.82 21.33
CA GLU A 192 25.82 -7.61 21.77
C GLU A 192 25.59 -7.58 23.27
N LYS A 193 25.65 -8.74 23.92
CA LYS A 193 25.38 -8.84 25.35
C LYS A 193 26.43 -8.14 26.21
N VAL A 194 27.55 -7.75 25.60
CA VAL A 194 28.52 -6.90 26.32
C VAL A 194 27.89 -5.57 26.77
N ASP A 195 26.96 -5.03 25.97
CA ASP A 195 26.30 -3.75 26.30
C ASP A 195 25.38 -3.90 27.51
N LEU A 196 24.84 -5.12 27.71
CA LEU A 196 24.03 -5.40 28.90
C LEU A 196 24.88 -5.30 30.16
N TRP A 197 26.05 -5.95 30.12
CA TRP A 197 27.02 -5.83 31.22
C TRP A 197 27.37 -4.37 31.53
N CYS A 198 27.76 -3.62 30.51
CA CYS A 198 28.16 -2.23 30.71
C CYS A 198 27.01 -1.37 31.27
N ALA A 199 25.78 -1.71 30.89
CA ALA A 199 24.61 -1.00 31.42
C ALA A 199 24.49 -1.21 32.93
N GLY A 200 24.81 -2.43 33.38
CA GLY A 200 24.76 -2.75 34.80
C GLY A 200 25.83 -2.02 35.58
N VAL A 201 27.03 -1.94 35.00
CA VAL A 201 28.13 -1.18 35.63
C VAL A 201 27.74 0.30 35.71
N LEU A 202 27.13 0.80 34.63
CA LEU A 202 26.68 2.18 34.55
C LEU A 202 25.66 2.52 35.63
N CYS A 203 24.66 1.65 35.80
CA CYS A 203 23.62 1.83 36.81
C CYS A 203 24.25 1.92 38.20
N TYR A 204 25.17 1.00 38.49
CA TYR A 204 25.91 1.00 39.75
C TYR A 204 26.67 2.32 39.94
N GLU A 205 27.44 2.72 38.93
CA GLU A 205 28.19 3.98 39.02
C GLU A 205 27.28 5.19 39.21
N PHE A 206 26.13 5.22 38.53
CA PHE A 206 25.14 6.29 38.73
C PHE A 206 24.73 6.43 40.20
N LEU A 207 24.41 5.30 40.81
CA LEU A 207 23.82 5.27 42.15
C LEU A 207 24.85 5.38 43.25
N VAL A 208 26.07 4.92 42.97
CA VAL A 208 27.13 4.87 43.99
C VAL A 208 28.18 5.95 43.76
N GLY A 209 28.46 6.25 42.51
CA GLY A 209 29.44 7.28 42.16
C GLY A 209 30.83 6.72 41.91
N MET A 210 30.99 5.41 42.12
CA MET A 210 32.19 4.67 41.75
C MET A 210 31.74 3.40 41.01
N PRO A 211 32.55 2.92 40.02
CA PRO A 211 32.23 1.63 39.41
C PRO A 211 32.45 0.47 40.39
N PRO A 212 31.72 -0.64 40.21
CA PRO A 212 31.64 -1.72 41.22
C PRO A 212 32.93 -2.49 41.48
N PHE A 213 33.84 -2.50 40.52
CA PHE A 213 35.05 -3.32 40.65
C PHE A 213 36.32 -2.49 40.79
N ASP A 214 36.13 -1.22 41.17
CA ASP A 214 37.20 -0.27 41.49
C ASP A 214 38.34 -0.92 42.28
N SER A 215 39.57 -0.82 41.77
CA SER A 215 40.77 -1.38 42.39
C SER A 215 42.04 -0.61 41.99
N PRO A 216 43.07 -0.63 42.87
CA PRO A 216 44.37 0.02 42.65
C PRO A 216 45.17 -0.52 41.47
N SER A 217 44.89 -1.76 41.05
CA SER A 217 45.63 -2.37 39.96
C SER A 217 44.73 -2.99 38.92
N HIS A 218 45.23 -3.03 37.69
CA HIS A 218 44.50 -3.60 36.56
C HIS A 218 44.24 -5.10 36.74
N THR A 219 45.16 -5.83 37.37
CA THR A 219 44.96 -7.27 37.60
C THR A 219 43.93 -7.54 38.71
N GLU A 220 43.91 -6.68 39.73
CA GLU A 220 42.87 -6.81 40.77
C GLU A 220 41.49 -6.46 40.22
N THR A 221 41.41 -5.41 39.40
CA THR A 221 40.15 -5.07 38.72
C THR A 221 39.67 -6.23 37.85
N HIS A 222 40.57 -6.77 37.01
CA HIS A 222 40.27 -7.96 36.21
C HIS A 222 39.74 -9.10 37.07
N ARG A 223 40.43 -9.36 38.18
CA ARG A 223 40.05 -10.43 39.10
C ARG A 223 38.64 -10.23 39.66
N ARG A 224 38.33 -8.99 40.05
CA ARG A 224 37.02 -8.69 40.60
C ARG A 224 35.90 -8.85 39.57
N ILE A 225 36.17 -8.46 38.34
CA ILE A 225 35.20 -8.57 37.26
C ILE A 225 34.84 -10.03 36.97
N VAL A 226 35.85 -10.87 36.77
CA VAL A 226 35.63 -12.28 36.40
C VAL A 226 35.06 -13.11 37.54
N ASN A 227 35.23 -12.65 38.78
CA ASN A 227 34.56 -13.25 39.93
C ASN A 227 33.20 -12.61 40.20
N VAL A 228 32.86 -11.58 39.42
CA VAL A 228 31.69 -10.72 39.69
C VAL A 228 31.61 -10.39 41.19
N ASP A 229 32.71 -9.82 41.69
CA ASP A 229 32.87 -9.50 43.11
C ASP A 229 32.10 -8.22 43.45
N LEU A 230 30.78 -8.32 43.32
CA LEU A 230 29.87 -7.20 43.52
C LEU A 230 29.60 -7.05 45.02
N LYS A 231 29.89 -5.88 45.57
CA LYS A 231 29.62 -5.57 46.98
C LYS A 231 28.74 -4.33 47.06
N PHE A 232 27.44 -4.53 47.26
CA PHE A 232 26.50 -3.40 47.30
C PHE A 232 26.60 -2.59 48.57
N PRO A 233 26.79 -1.27 48.44
CA PRO A 233 26.64 -0.35 49.58
C PRO A 233 25.26 -0.46 50.22
N PRO A 234 25.17 -0.25 51.55
CA PRO A 234 23.91 -0.44 52.28
C PRO A 234 22.78 0.54 51.92
N PHE A 235 23.12 1.69 51.33
CA PHE A 235 22.09 2.69 51.02
C PHE A 235 21.25 2.39 49.78
N LEU A 236 21.68 1.42 48.97
CA LEU A 236 20.96 1.07 47.75
C LEU A 236 19.65 0.35 48.05
N SER A 237 18.60 0.73 47.33
CA SER A 237 17.30 0.06 47.45
C SER A 237 17.38 -1.37 46.91
N ASP A 238 16.48 -2.23 47.39
CA ASP A 238 16.38 -3.60 46.89
C ASP A 238 16.13 -3.65 45.38
N GLY A 239 15.30 -2.73 44.89
CA GLY A 239 14.97 -2.65 43.45
C GLY A 239 16.17 -2.35 42.57
N SER A 240 16.98 -1.37 42.98
CA SER A 240 18.18 -1.01 42.21
C SER A 240 19.19 -2.16 42.21
N LYS A 241 19.39 -2.80 43.38
CA LYS A 241 20.28 -3.96 43.46
C LYS A 241 19.77 -5.11 42.62
N ASP A 242 18.45 -5.29 42.58
CA ASP A 242 17.85 -6.34 41.77
C ASP A 242 18.23 -6.15 40.32
N LEU A 243 18.04 -4.93 39.81
CA LEU A 243 18.35 -4.65 38.40
C LEU A 243 19.84 -4.82 38.08
N ILE A 244 20.69 -4.22 38.90
CA ILE A 244 22.14 -4.33 38.71
C ILE A 244 22.56 -5.79 38.70
N SER A 245 22.08 -6.55 39.70
CA SER A 245 22.39 -7.96 39.80
C SER A 245 21.98 -8.75 38.56
N LYS A 246 20.88 -8.35 37.95
CA LYS A 246 20.34 -9.07 36.79
C LYS A 246 21.08 -8.76 35.51
N LEU A 247 21.78 -7.62 35.50
CA LEU A 247 22.61 -7.22 34.36
C LEU A 247 24.06 -7.72 34.50
N LEU A 248 24.59 -7.67 35.70
CA LEU A 248 25.98 -8.10 35.95
C LEU A 248 26.10 -9.60 36.20
N ARG A 249 25.68 -10.40 35.21
CA ARG A 249 25.79 -11.85 35.24
C ARG A 249 27.05 -12.27 34.48
N TYR A 250 27.79 -13.21 35.07
CA TYR A 250 28.97 -13.75 34.41
C TYR A 250 28.64 -14.28 33.01
N HIS A 251 27.57 -15.06 32.90
CA HIS A 251 27.21 -15.68 31.61
C HIS A 251 26.39 -14.74 30.76
N PRO A 252 26.91 -14.33 29.60
CA PRO A 252 26.15 -13.38 28.78
C PRO A 252 24.66 -13.74 28.54
N PRO A 253 24.35 -15.02 28.20
CA PRO A 253 22.94 -15.37 27.94
C PRO A 253 22.02 -15.21 29.15
N GLN A 254 22.57 -15.13 30.35
CA GLN A 254 21.74 -14.98 31.54
C GLN A 254 21.44 -13.53 31.89
N ARG A 255 22.05 -12.58 31.18
CA ARG A 255 21.86 -11.16 31.47
C ARG A 255 20.47 -10.68 31.05
N LEU A 256 19.89 -9.83 31.88
CA LEU A 256 18.54 -9.27 31.63
C LEU A 256 18.55 -8.56 30.27
N PRO A 257 17.65 -8.95 29.35
CA PRO A 257 17.59 -8.30 28.04
C PRO A 257 17.21 -6.82 28.16
N LEU A 258 17.52 -6.03 27.16
CA LEU A 258 17.25 -4.58 27.20
C LEU A 258 15.76 -4.26 27.41
N LYS A 259 14.89 -5.04 26.77
CA LYS A 259 13.45 -4.89 27.00
C LYS A 259 13.11 -5.18 28.46
N GLY A 260 13.83 -6.13 29.05
CA GLY A 260 13.73 -6.45 30.49
C GLY A 260 14.13 -5.32 31.42
N VAL A 261 15.13 -4.55 31.01
CA VAL A 261 15.53 -3.34 31.75
C VAL A 261 14.39 -2.30 31.72
N MET A 262 13.88 -2.02 30.52
CA MET A 262 12.75 -1.09 30.35
C MET A 262 11.51 -1.46 31.17
N GLU A 263 11.29 -2.77 31.31
CA GLU A 263 10.13 -3.35 32.01
C GLU A 263 10.37 -3.61 33.49
N HIS A 264 11.61 -3.44 33.94
CA HIS A 264 11.95 -3.77 35.32
C HIS A 264 11.14 -2.89 36.27
N PRO A 265 10.57 -3.46 37.36
CA PRO A 265 9.68 -2.67 38.23
C PRO A 265 10.35 -1.44 38.86
N TRP A 266 11.65 -1.52 39.17
CA TRP A 266 12.38 -0.38 39.71
C TRP A 266 12.47 0.76 38.69
N VAL A 267 12.71 0.40 37.43
CA VAL A 267 12.66 1.38 36.34
C VAL A 267 11.26 1.97 36.20
N LYS A 268 10.24 1.11 36.15
CA LYS A 268 8.86 1.61 36.00
C LYS A 268 8.49 2.55 37.14
N ALA A 269 8.89 2.20 38.36
CA ALA A 269 8.48 2.95 39.55
C ALA A 269 9.19 4.29 39.70
N ASN A 270 10.37 4.43 39.11
CA ASN A 270 11.24 5.58 39.37
C ASN A 270 11.54 6.48 38.19
N SER A 271 11.48 5.94 36.98
CA SER A 271 11.79 6.70 35.78
C SER A 271 10.76 7.81 35.54
N ARG A 272 11.25 8.99 35.19
CA ARG A 272 10.43 10.11 34.79
C ARG A 272 10.83 10.51 33.37
N ARG A 273 10.93 9.51 32.51
CA ARG A 273 11.37 9.73 31.15
C ARG A 273 10.33 10.47 30.33
N VAL A 274 10.79 11.49 29.61
CA VAL A 274 9.93 12.26 28.71
C VAL A 274 10.54 12.22 27.32
N LEU A 275 9.75 11.83 26.31
CA LEU A 275 10.19 11.85 24.92
C LEU A 275 10.15 13.28 24.38
N PRO A 276 11.22 13.71 23.68
CA PRO A 276 11.22 15.06 23.12
C PRO A 276 10.14 15.23 22.05
N PRO A 277 9.61 16.45 21.90
CA PRO A 277 8.70 16.75 20.79
C PRO A 277 9.32 16.40 19.43
N VAL A 278 8.49 15.86 18.55
CA VAL A 278 8.90 15.44 17.22
C VAL A 278 8.22 16.35 16.19
N TYR A 279 8.87 16.53 15.04
CA TYR A 279 8.22 17.19 13.90
C TYR A 279 7.13 16.26 13.36
N GLN A 280 5.87 16.70 13.17
CA GLN A 280 5.32 18.06 13.35
C GLN A 280 4.71 18.54 12.01
N SER A 281 4.28 17.55 11.22
CA SER A 281 3.77 17.73 9.84
C SER A 281 3.12 19.10 9.55
N THR B 2 -51.18 -42.38 -24.30
CA THR B 2 -51.69 -40.99 -24.53
C THR B 2 -52.56 -40.55 -23.36
N ALA B 3 -53.58 -41.35 -23.04
CA ALA B 3 -54.40 -41.16 -21.85
C ALA B 3 -53.69 -41.71 -20.62
N LEU B 4 -52.47 -42.21 -20.82
CA LEU B 4 -51.63 -42.71 -19.72
C LEU B 4 -50.27 -42.02 -19.71
N ALA B 5 -50.05 -41.14 -20.68
CA ALA B 5 -48.82 -40.36 -20.78
C ALA B 5 -48.63 -39.49 -19.55
N GLU B 6 -47.37 -39.29 -19.15
CA GLU B 6 -47.06 -38.48 -17.98
C GLU B 6 -47.55 -37.04 -18.13
N MET B 7 -48.25 -36.57 -17.10
CA MET B 7 -48.77 -35.21 -17.04
C MET B 7 -47.62 -34.20 -17.21
N PRO B 8 -47.80 -33.18 -18.09
CA PRO B 8 -46.75 -32.20 -18.31
C PRO B 8 -46.58 -31.28 -17.11
N LYS B 9 -45.33 -30.90 -16.83
CA LYS B 9 -45.04 -29.95 -15.76
C LYS B 9 -45.56 -28.55 -16.09
N ARG B 10 -45.85 -27.78 -15.03
CA ARG B 10 -46.30 -26.40 -15.17
C ARG B 10 -45.22 -25.56 -15.87
N LYS B 11 -45.66 -24.65 -16.73
CA LYS B 11 -44.79 -23.61 -17.24
C LYS B 11 -45.33 -22.29 -16.74
N PHE B 12 -44.51 -21.23 -16.78
CA PHE B 12 -45.04 -19.90 -16.52
C PHE B 12 -46.10 -19.51 -17.54
N THR B 13 -47.00 -18.64 -17.12
CA THR B 13 -48.11 -18.18 -17.92
C THR B 13 -48.18 -16.66 -17.71
N ILE B 14 -48.86 -15.94 -18.61
CA ILE B 14 -49.02 -14.48 -18.42
C ILE B 14 -49.73 -14.14 -17.09
N ASP B 15 -50.58 -15.05 -16.62
CA ASP B 15 -51.31 -14.86 -15.37
C ASP B 15 -50.42 -14.93 -14.12
N ASP B 16 -49.15 -15.29 -14.32
CA ASP B 16 -48.20 -15.36 -13.21
C ASP B 16 -47.56 -14.01 -12.88
N PHE B 17 -47.97 -12.96 -13.58
CA PHE B 17 -47.28 -11.66 -13.51
C PHE B 17 -48.22 -10.48 -13.34
N ASP B 18 -47.83 -9.54 -12.47
CA ASP B 18 -48.42 -8.20 -12.42
C ASP B 18 -47.66 -7.40 -13.48
N ILE B 19 -48.38 -6.81 -14.43
CA ILE B 19 -47.72 -6.03 -15.48
C ILE B 19 -47.67 -4.54 -15.18
N GLY B 20 -46.48 -3.95 -15.34
CA GLY B 20 -46.29 -2.52 -15.23
C GLY B 20 -46.25 -1.89 -16.61
N ARG B 21 -45.50 -0.81 -16.74
CA ARG B 21 -45.42 -0.08 -17.99
C ARG B 21 -44.29 -0.63 -18.87
N PRO B 22 -44.35 -0.33 -20.19
CA PRO B 22 -43.19 -0.54 -21.05
C PRO B 22 -41.93 0.13 -20.48
N LEU B 23 -40.78 -0.50 -20.68
CA LEU B 23 -39.52 0.03 -20.16
C LEU B 23 -38.89 1.04 -21.12
N GLY B 24 -39.02 0.76 -22.42
CA GLY B 24 -38.55 1.68 -23.46
C GLY B 24 -39.69 2.15 -24.33
N LYS B 25 -39.43 3.18 -25.13
CA LYS B 25 -40.42 3.66 -26.11
C LYS B 25 -39.99 3.30 -27.53
N GLY B 26 -38.69 3.06 -27.71
CA GLY B 26 -38.12 2.71 -29.01
C GLY B 26 -38.23 1.22 -29.30
N LYS B 27 -37.10 0.58 -29.55
CA LYS B 27 -37.06 -0.85 -29.84
C LYS B 27 -37.35 -1.67 -28.57
N PHE B 28 -37.64 -0.97 -27.48
CA PHE B 28 -37.89 -1.61 -26.20
C PHE B 28 -39.30 -1.31 -25.69
N GLY B 29 -40.18 -0.96 -26.63
CA GLY B 29 -41.59 -0.75 -26.33
C GLY B 29 -42.34 -2.05 -26.10
N ASN B 30 -41.68 -3.17 -26.38
CA ASN B 30 -42.26 -4.50 -26.17
C ASN B 30 -41.66 -5.20 -24.95
N VAL B 31 -40.96 -4.44 -24.12
CA VAL B 31 -40.38 -4.96 -22.87
C VAL B 31 -41.02 -4.25 -21.69
N TYR B 32 -41.70 -5.03 -20.86
CA TYR B 32 -42.51 -4.48 -19.78
C TYR B 32 -41.87 -4.78 -18.43
N LEU B 33 -41.93 -3.79 -17.55
CA LEU B 33 -41.64 -4.04 -16.15
C LEU B 33 -42.76 -4.96 -15.66
N ALA B 34 -42.38 -6.03 -14.97
CA ALA B 34 -43.33 -7.01 -14.49
C ALA B 34 -42.94 -7.47 -13.10
N ARG B 35 -43.92 -7.95 -12.35
CA ARG B 35 -43.64 -8.57 -11.07
C ARG B 35 -44.22 -9.98 -11.05
N GLU B 36 -43.37 -10.97 -10.85
CA GLU B 36 -43.79 -12.35 -10.72
C GLU B 36 -44.51 -12.48 -9.36
N LYS B 37 -45.77 -12.93 -9.40
CA LYS B 37 -46.68 -12.86 -8.25
C LYS B 37 -46.26 -13.64 -7.01
N GLN B 38 -45.94 -14.93 -7.19
CA GLN B 38 -45.61 -15.83 -6.08
CA GLN B 38 -45.63 -15.80 -6.07
C GLN B 38 -44.45 -15.31 -5.23
N ASN B 39 -43.41 -14.80 -5.89
CA ASN B 39 -42.24 -14.30 -5.18
C ASN B 39 -42.16 -12.77 -5.05
N LYS B 40 -43.17 -12.08 -5.58
CA LYS B 40 -43.19 -10.62 -5.64
C LYS B 40 -41.86 -10.08 -6.17
N PHE B 41 -41.36 -10.74 -7.20
CA PHE B 41 -40.03 -10.49 -7.76
C PHE B 41 -40.13 -9.69 -9.05
N ILE B 42 -39.46 -8.54 -9.07
CA ILE B 42 -39.55 -7.60 -10.19
C ILE B 42 -38.57 -8.00 -11.29
N MET B 43 -39.09 -8.10 -12.51
CA MET B 43 -38.29 -8.48 -13.67
C MET B 43 -38.78 -7.74 -14.90
N ALA B 44 -38.21 -8.05 -16.05
CA ALA B 44 -38.68 -7.49 -17.30
C ALA B 44 -39.27 -8.61 -18.15
N LEU B 45 -40.35 -8.31 -18.85
CA LEU B 45 -41.00 -9.32 -19.68
C LEU B 45 -41.02 -8.80 -21.11
N LYS B 46 -40.28 -9.47 -21.97
CA LYS B 46 -40.21 -9.11 -23.38
C LYS B 46 -41.26 -9.91 -24.14
N VAL B 47 -42.17 -9.20 -24.79
CA VAL B 47 -43.27 -9.80 -25.51
C VAL B 47 -42.99 -9.70 -27.01
N LEU B 48 -43.03 -10.86 -27.67
CA LEU B 48 -42.78 -10.94 -29.11
C LEU B 48 -43.99 -11.56 -29.79
N PHE B 49 -44.40 -10.97 -30.91
CA PHE B 49 -45.54 -11.47 -31.67
C PHE B 49 -45.06 -12.44 -32.73
N LYS B 50 -45.57 -13.67 -32.66
CA LYS B 50 -45.14 -14.76 -33.54
C LYS B 50 -45.30 -14.42 -35.02
N SER B 51 -46.37 -13.70 -35.35
CA SER B 51 -46.64 -13.27 -36.72
C SER B 51 -45.62 -12.23 -37.20
N GLN B 52 -45.17 -11.37 -36.30
CA GLN B 52 -44.17 -10.34 -36.62
C GLN B 52 -42.77 -10.93 -36.79
N LEU B 53 -42.48 -12.01 -36.07
CA LEU B 53 -41.21 -12.71 -36.23
C LEU B 53 -41.14 -13.41 -37.59
N GLU B 54 -42.23 -14.10 -37.95
CA GLU B 54 -42.35 -14.77 -39.25
C GLU B 54 -42.32 -13.74 -40.38
N LYS B 55 -42.98 -12.60 -40.16
CA LYS B 55 -43.07 -11.52 -41.14
C LYS B 55 -41.73 -10.82 -41.38
N GLU B 56 -40.85 -10.85 -40.38
CA GLU B 56 -39.52 -10.28 -40.51
C GLU B 56 -38.47 -11.34 -40.84
N GLY B 57 -38.87 -12.62 -40.76
CA GLY B 57 -37.96 -13.75 -41.02
C GLY B 57 -36.81 -13.79 -40.03
N VAL B 58 -37.14 -13.77 -38.74
CA VAL B 58 -36.13 -13.72 -37.68
C VAL B 58 -36.32 -14.79 -36.61
N GLU B 59 -37.14 -15.79 -36.91
CA GLU B 59 -37.49 -16.83 -35.95
C GLU B 59 -36.31 -17.74 -35.58
N HIS B 60 -35.44 -18.02 -36.55
CA HIS B 60 -34.26 -18.84 -36.31
C HIS B 60 -33.17 -18.07 -35.55
N GLN B 61 -33.15 -16.75 -35.72
CA GLN B 61 -32.32 -15.87 -34.89
C GLN B 61 -32.75 -15.92 -33.43
N LEU B 62 -34.06 -15.81 -33.20
CA LEU B 62 -34.62 -15.84 -31.84
C LEU B 62 -34.29 -17.15 -31.16
N ARG B 63 -34.46 -18.25 -31.89
CA ARG B 63 -34.23 -19.59 -31.35
C ARG B 63 -32.79 -19.74 -30.86
N ARG B 64 -31.84 -19.22 -31.64
CA ARG B 64 -30.42 -19.23 -31.27
C ARG B 64 -30.18 -18.33 -30.05
N GLU B 65 -30.77 -17.13 -30.06
CA GLU B 65 -30.65 -16.16 -28.96
CA GLU B 65 -30.62 -16.18 -28.96
C GLU B 65 -31.14 -16.75 -27.64
N ILE B 66 -32.35 -17.32 -27.65
CA ILE B 66 -32.95 -17.93 -26.46
C ILE B 66 -32.10 -19.10 -25.97
N GLU B 67 -31.68 -19.97 -26.89
CA GLU B 67 -30.90 -21.14 -26.52
C GLU B 67 -29.59 -20.75 -25.81
N ILE B 68 -28.94 -19.70 -26.30
CA ILE B 68 -27.69 -19.22 -25.69
C ILE B 68 -27.96 -18.54 -24.35
N GLN B 69 -28.80 -17.49 -24.34
CA GLN B 69 -28.95 -16.64 -23.15
C GLN B 69 -29.59 -17.35 -21.95
N SER B 70 -30.47 -18.31 -22.24
CA SER B 70 -31.20 -19.05 -21.19
C SER B 70 -30.28 -19.92 -20.33
N HIS B 71 -29.06 -20.19 -20.82
CA HIS B 71 -28.12 -21.05 -20.13
C HIS B 71 -26.96 -20.30 -19.44
N LEU B 72 -26.90 -18.99 -19.65
CA LEU B 72 -25.81 -18.21 -19.05
C LEU B 72 -26.22 -17.62 -17.71
N ARG B 73 -25.40 -17.87 -16.69
CA ARG B 73 -25.64 -17.42 -15.33
CA ARG B 73 -25.65 -17.42 -15.33
C ARG B 73 -24.39 -16.76 -14.78
N HIS B 74 -24.33 -15.44 -14.89
CA HIS B 74 -23.15 -14.68 -14.47
C HIS B 74 -23.60 -13.29 -14.04
N PRO B 75 -23.01 -12.73 -12.96
CA PRO B 75 -23.45 -11.43 -12.43
C PRO B 75 -23.39 -10.26 -13.41
N ASN B 76 -22.62 -10.40 -14.49
CA ASN B 76 -22.47 -9.35 -15.48
C ASN B 76 -23.02 -9.72 -16.84
N ILE B 77 -23.89 -10.73 -16.84
CA ILE B 77 -24.68 -11.09 -18.02
C ILE B 77 -26.15 -11.02 -17.60
N LEU B 78 -26.95 -10.28 -18.37
CA LEU B 78 -28.37 -10.12 -18.09
C LEU B 78 -29.04 -11.49 -18.13
N ARG B 79 -29.66 -11.88 -17.01
CA ARG B 79 -30.29 -13.19 -16.89
C ARG B 79 -31.56 -13.31 -17.71
N MET B 80 -31.70 -14.44 -18.40
CA MET B 80 -33.02 -14.88 -18.89
C MET B 80 -33.48 -16.00 -17.96
N TYR B 81 -34.44 -15.68 -17.09
CA TYR B 81 -34.89 -16.60 -16.04
C TYR B 81 -35.62 -17.82 -16.59
N ASN B 82 -36.48 -17.55 -17.57
CA ASN B 82 -37.26 -18.58 -18.25
C ASN B 82 -37.98 -17.93 -19.42
N TYR B 83 -38.83 -18.70 -20.08
CA TYR B 83 -39.63 -18.21 -21.20
C TYR B 83 -40.88 -19.07 -21.34
N PHE B 84 -41.89 -18.52 -22.01
CA PHE B 84 -43.12 -19.23 -22.30
C PHE B 84 -43.80 -18.63 -23.52
N HIS B 85 -44.91 -19.24 -23.95
CA HIS B 85 -45.62 -18.74 -25.12
C HIS B 85 -47.11 -19.05 -25.08
N ASP B 86 -47.87 -18.32 -25.89
CA ASP B 86 -49.26 -18.70 -26.18
C ASP B 86 -49.45 -18.77 -27.69
N ARG B 87 -50.68 -18.89 -28.16
CA ARG B 87 -50.96 -19.03 -29.59
C ARG B 87 -50.28 -17.94 -30.43
N LYS B 88 -50.28 -16.71 -29.94
CA LYS B 88 -49.79 -15.56 -30.71
C LYS B 88 -48.50 -14.91 -30.24
N ARG B 89 -48.05 -15.22 -29.01
CA ARG B 89 -46.91 -14.49 -28.44
C ARG B 89 -45.87 -15.39 -27.80
N ILE B 90 -44.63 -14.91 -27.79
CA ILE B 90 -43.53 -15.55 -27.06
C ILE B 90 -43.08 -14.55 -26.01
N TYR B 91 -42.89 -15.05 -24.78
CA TYR B 91 -42.53 -14.19 -23.65
C TYR B 91 -41.19 -14.59 -23.07
N LEU B 92 -40.30 -13.60 -22.90
CA LEU B 92 -39.00 -13.83 -22.29
C LEU B 92 -38.94 -13.14 -20.93
N MET B 93 -38.62 -13.92 -19.90
CA MET B 93 -38.50 -13.41 -18.55
C MET B 93 -37.05 -13.00 -18.34
N LEU B 94 -36.83 -11.70 -18.26
CA LEU B 94 -35.47 -11.16 -18.22
C LEU B 94 -35.20 -10.43 -16.92
N GLU B 95 -33.93 -10.44 -16.51
CA GLU B 95 -33.47 -9.64 -15.39
C GLU B 95 -33.75 -8.15 -15.62
N PHE B 96 -34.27 -7.47 -14.60
CA PHE B 96 -34.42 -6.03 -14.67
C PHE B 96 -33.10 -5.35 -14.28
N ALA B 97 -32.59 -4.51 -15.16
CA ALA B 97 -31.39 -3.71 -14.89
C ALA B 97 -31.82 -2.28 -14.58
N PRO B 98 -31.86 -1.95 -13.27
CA PRO B 98 -32.53 -0.73 -12.79
C PRO B 98 -31.94 0.58 -13.31
N ARG B 99 -30.63 0.60 -13.58
CA ARG B 99 -29.95 1.82 -14.02
C ARG B 99 -29.97 2.01 -15.54
N GLY B 100 -30.51 1.02 -16.27
CA GLY B 100 -30.82 1.20 -17.68
C GLY B 100 -29.64 1.12 -18.61
N GLU B 101 -29.74 1.86 -19.71
CA GLU B 101 -28.84 1.73 -20.86
C GLU B 101 -27.50 2.41 -20.61
N LEU B 102 -26.42 1.65 -20.78
CA LEU B 102 -25.07 2.18 -20.60
C LEU B 102 -24.78 3.30 -21.60
N TYR B 103 -25.27 3.14 -22.83
CA TYR B 103 -24.98 4.10 -23.90
C TYR B 103 -25.54 5.50 -23.58
N LYS B 104 -26.69 5.55 -22.92
CA LYS B 104 -27.29 6.82 -22.50
C LYS B 104 -26.46 7.52 -21.44
N GLU B 105 -25.92 6.74 -20.51
CA GLU B 105 -25.03 7.24 -19.46
C GLU B 105 -23.71 7.77 -20.06
N LEU B 106 -23.22 7.11 -21.11
CA LEU B 106 -22.02 7.59 -21.79
C LEU B 106 -22.29 8.93 -22.48
N GLN B 107 -23.43 9.01 -23.17
CA GLN B 107 -23.86 10.24 -23.85
C GLN B 107 -23.96 11.40 -22.86
N LYS B 108 -24.59 11.11 -21.73
CA LYS B 108 -24.81 12.10 -20.69
C LYS B 108 -23.49 12.66 -20.15
N HIS B 109 -22.52 11.77 -19.93
CA HIS B 109 -21.24 12.13 -19.33
C HIS B 109 -20.18 12.59 -20.34
N GLY B 110 -20.37 12.25 -21.61
CA GLY B 110 -19.38 12.50 -22.65
C GLY B 110 -18.35 11.39 -22.69
N ARG B 111 -17.67 11.19 -21.57
CA ARG B 111 -16.73 10.09 -21.42
CA ARG B 111 -16.70 10.10 -21.42
C ARG B 111 -16.69 9.65 -19.96
N PHE B 112 -16.29 8.40 -19.72
CA PHE B 112 -16.20 7.89 -18.34
C PHE B 112 -14.81 8.13 -17.77
N ASP B 113 -14.72 8.33 -16.45
CA ASP B 113 -13.40 8.43 -15.81
C ASP B 113 -12.72 7.06 -15.77
N GLU B 114 -11.48 7.03 -15.30
CA GLU B 114 -10.68 5.80 -15.33
C GLU B 114 -11.21 4.72 -14.39
N GLN B 115 -11.77 5.13 -13.26
CA GLN B 115 -12.33 4.15 -12.32
C GLN B 115 -13.59 3.47 -12.89
N ARG B 116 -14.51 4.26 -13.41
CA ARG B 116 -15.72 3.73 -14.07
C ARG B 116 -15.35 2.78 -15.22
N SER B 117 -14.44 3.23 -16.08
CA SER B 117 -14.03 2.45 -17.26
C SER B 117 -13.32 1.17 -16.89
N ALA B 118 -12.36 1.24 -15.95
CA ALA B 118 -11.62 0.04 -15.54
C ALA B 118 -12.53 -0.98 -14.88
N THR B 119 -13.50 -0.50 -14.11
CA THR B 119 -14.52 -1.38 -13.49
C THR B 119 -15.33 -2.12 -14.56
N PHE B 120 -15.88 -1.36 -15.51
CA PHE B 120 -16.62 -1.97 -16.63
C PHE B 120 -15.76 -3.00 -17.35
N MET B 121 -14.48 -2.69 -17.54
CA MET B 121 -13.57 -3.60 -18.26
C MET B 121 -13.32 -4.91 -17.50
N GLU B 122 -13.13 -4.83 -16.18
CA GLU B 122 -13.00 -6.05 -15.39
C GLU B 122 -14.27 -6.89 -15.53
N GLU B 123 -15.43 -6.24 -15.38
CA GLU B 123 -16.75 -6.91 -15.51
C GLU B 123 -16.96 -7.55 -16.87
N LEU B 124 -16.68 -6.79 -17.93
CA LEU B 124 -16.81 -7.31 -19.29
C LEU B 124 -15.92 -8.53 -19.54
N ALA B 125 -14.65 -8.41 -19.12
CA ALA B 125 -13.68 -9.50 -19.35
C ALA B 125 -14.07 -10.77 -18.60
N ASP B 126 -14.58 -10.61 -17.38
CA ASP B 126 -15.08 -11.73 -16.58
C ASP B 126 -16.26 -12.41 -17.27
N ALA B 127 -17.23 -11.62 -17.74
CA ALA B 127 -18.41 -12.13 -18.43
C ALA B 127 -18.05 -12.82 -19.74
N LEU B 128 -17.17 -12.19 -20.53
CA LEU B 128 -16.72 -12.77 -21.80
C LEU B 128 -15.94 -14.07 -21.59
N HIS B 129 -15.08 -14.11 -20.56
CA HIS B 129 -14.37 -15.33 -20.23
C HIS B 129 -15.34 -16.48 -19.95
N TYR B 130 -16.35 -16.20 -19.14
CA TYR B 130 -17.44 -17.12 -18.86
C TYR B 130 -18.09 -17.65 -20.15
N CYS B 131 -18.40 -16.74 -21.05
CA CYS B 131 -18.98 -17.09 -22.36
C CYS B 131 -18.06 -17.98 -23.18
N HIS B 132 -16.79 -17.58 -23.29
CA HIS B 132 -15.83 -18.33 -24.10
C HIS B 132 -15.56 -19.74 -23.57
N GLU B 133 -15.57 -19.89 -22.24
CA GLU B 133 -15.47 -21.21 -21.62
C GLU B 133 -16.57 -22.16 -22.08
N ARG B 134 -17.72 -21.59 -22.43
CA ARG B 134 -18.87 -22.34 -22.90
C ARG B 134 -19.00 -22.32 -24.43
N LYS B 135 -17.93 -21.89 -25.10
CA LYS B 135 -17.87 -21.83 -26.56
C LYS B 135 -18.90 -20.86 -27.14
N VAL B 136 -19.27 -19.86 -26.35
CA VAL B 136 -20.17 -18.83 -26.83
C VAL B 136 -19.34 -17.60 -27.20
N ILE B 137 -19.49 -17.12 -28.44
CA ILE B 137 -18.87 -15.86 -28.86
C ILE B 137 -19.97 -14.81 -28.98
N HIS B 138 -19.73 -13.63 -28.42
CA HIS B 138 -20.80 -12.64 -28.36
C HIS B 138 -21.00 -11.93 -29.70
N ARG B 139 -19.88 -11.42 -30.23
CA ARG B 139 -19.77 -10.83 -31.59
C ARG B 139 -20.40 -9.45 -31.80
N ASP B 140 -20.94 -8.83 -30.75
CA ASP B 140 -21.51 -7.48 -30.89
C ASP B 140 -21.42 -6.70 -29.59
N ILE B 141 -20.27 -6.78 -28.93
CA ILE B 141 -20.02 -5.94 -27.77
C ILE B 141 -19.89 -4.48 -28.23
N LYS B 142 -20.73 -3.62 -27.64
CA LYS B 142 -20.77 -2.17 -27.91
C LYS B 142 -21.67 -1.54 -26.83
N PRO B 143 -21.56 -0.21 -26.60
CA PRO B 143 -22.33 0.41 -25.50
C PRO B 143 -23.84 0.10 -25.54
N GLU B 144 -24.44 0.09 -26.73
CA GLU B 144 -25.88 -0.12 -26.88
C GLU B 144 -26.37 -1.51 -26.49
N ASN B 145 -25.44 -2.45 -26.35
CA ASN B 145 -25.80 -3.81 -25.95
C ASN B 145 -25.51 -4.09 -24.48
N LEU B 146 -25.26 -3.03 -23.73
CA LEU B 146 -24.92 -3.15 -22.33
C LEU B 146 -25.89 -2.38 -21.46
N LEU B 147 -26.29 -2.99 -20.34
CA LEU B 147 -27.17 -2.34 -19.37
C LEU B 147 -26.45 -2.23 -18.05
N MET B 148 -27.08 -1.57 -17.08
CA MET B 148 -26.46 -1.36 -15.78
C MET B 148 -27.34 -1.81 -14.62
N GLY B 149 -26.74 -2.57 -13.71
CA GLY B 149 -27.43 -3.09 -12.51
C GLY B 149 -27.66 -2.02 -11.46
N TYR B 150 -28.23 -2.42 -10.34
CA TYR B 150 -28.59 -1.49 -9.26
C TYR B 150 -27.41 -0.63 -8.77
N LYS B 151 -26.23 -1.24 -8.66
CA LYS B 151 -25.04 -0.52 -8.22
C LYS B 151 -24.15 -0.16 -9.41
N GLY B 152 -24.73 -0.17 -10.61
CA GLY B 152 -24.04 0.25 -11.81
C GLY B 152 -23.20 -0.82 -12.48
N GLU B 153 -23.28 -2.06 -11.99
CA GLU B 153 -22.52 -3.15 -12.60
C GLU B 153 -22.94 -3.40 -14.03
N LEU B 154 -21.96 -3.69 -14.89
CA LEU B 154 -22.20 -3.93 -16.31
C LEU B 154 -23.03 -5.20 -16.47
N LYS B 155 -23.99 -5.16 -17.40
CA LYS B 155 -24.74 -6.36 -17.76
C LYS B 155 -24.74 -6.47 -19.28
N ILE B 156 -24.11 -7.53 -19.80
CA ILE B 156 -24.22 -7.84 -21.23
C ILE B 156 -25.65 -8.27 -21.50
N ALA B 157 -26.35 -7.53 -22.37
CA ALA B 157 -27.81 -7.65 -22.49
C ALA B 157 -28.33 -8.35 -23.74
N ASP B 158 -27.73 -8.02 -24.89
CA ASP B 158 -28.28 -8.40 -26.19
C ASP B 158 -27.35 -9.44 -26.82
N PHE B 159 -27.90 -10.61 -27.08
CA PHE B 159 -27.14 -11.74 -27.62
C PHE B 159 -27.61 -12.08 -29.02
N GLY B 160 -28.16 -11.07 -29.69
CA GLY B 160 -28.76 -11.22 -31.01
C GLY B 160 -27.82 -11.69 -32.12
N TRP B 161 -26.52 -11.51 -31.94
CA TRP B 161 -25.55 -11.99 -32.93
C TRP B 161 -24.57 -13.00 -32.37
N SER B 162 -24.84 -13.46 -31.15
CA SER B 162 -24.02 -14.44 -30.48
C SER B 162 -24.19 -15.83 -31.08
N VAL B 163 -23.20 -16.68 -30.88
CA VAL B 163 -23.21 -18.02 -31.45
C VAL B 163 -22.52 -19.01 -30.51
N HIS B 164 -23.11 -20.19 -30.38
CA HIS B 164 -22.41 -21.31 -29.75
C HIS B 164 -21.57 -21.99 -30.83
N ALA B 165 -20.25 -21.94 -30.66
CA ALA B 165 -19.31 -22.39 -31.69
C ALA B 165 -18.35 -23.43 -31.13
N PRO B 166 -18.78 -24.71 -31.13
CA PRO B 166 -17.93 -25.76 -30.57
C PRO B 166 -16.50 -25.77 -31.11
N SER B 167 -16.33 -25.51 -32.41
CA SER B 167 -14.97 -25.45 -33.00
C SER B 167 -14.37 -24.04 -32.97
N LEU B 168 -15.15 -23.07 -32.51
CA LEU B 168 -14.73 -21.67 -32.41
C LEU B 168 -14.19 -21.11 -33.73
N ARG B 169 -14.84 -21.48 -34.83
CA ARG B 169 -14.56 -20.87 -36.13
C ARG B 169 -15.88 -20.63 -36.86
N ARG B 170 -16.14 -19.37 -37.24
CA ARG B 170 -17.40 -18.97 -37.87
C ARG B 170 -17.13 -18.00 -39.01
N ARG B 171 -18.14 -17.80 -39.86
CA ARG B 171 -17.95 -16.93 -41.02
C ARG B 171 -19.04 -15.89 -41.22
N MET B 173 -20.84 -12.56 -41.16
CA MET B 173 -20.55 -11.13 -41.05
C MET B 173 -21.62 -10.51 -40.15
N CYS B 174 -21.20 -10.07 -38.97
CA CYS B 174 -22.11 -9.46 -38.02
C CYS B 174 -21.35 -8.53 -37.08
N GLY B 175 -22.08 -7.73 -36.32
CA GLY B 175 -21.47 -6.77 -35.42
C GLY B 175 -21.93 -5.39 -35.79
N THR B 176 -21.10 -4.40 -35.50
CA THR B 176 -21.43 -2.99 -35.76
C THR B 176 -20.20 -2.33 -36.36
N LEU B 177 -20.41 -1.49 -37.37
CA LEU B 177 -19.30 -0.99 -38.22
C LEU B 177 -18.06 -0.51 -37.46
N ASP B 178 -18.25 0.43 -36.53
CA ASP B 178 -17.13 1.02 -35.79
C ASP B 178 -16.39 0.02 -34.90
N TYR B 179 -17.05 -1.10 -34.61
CA TYR B 179 -16.54 -2.12 -33.69
C TYR B 179 -15.98 -3.38 -34.38
N LEU B 180 -16.17 -3.48 -35.69
CA LEU B 180 -15.79 -4.68 -36.44
C LEU B 180 -14.28 -4.93 -36.35
N PRO B 181 -13.88 -6.15 -35.91
CA PRO B 181 -12.47 -6.55 -36.01
C PRO B 181 -12.07 -6.59 -37.48
N PRO B 182 -10.77 -6.43 -37.77
CA PRO B 182 -10.30 -6.51 -39.16
C PRO B 182 -10.73 -7.80 -39.88
N GLU B 183 -10.65 -8.95 -39.20
CA GLU B 183 -11.02 -10.22 -39.83
C GLU B 183 -12.50 -10.29 -40.21
N MET B 184 -13.36 -9.61 -39.44
CA MET B 184 -14.78 -9.49 -39.77
C MET B 184 -15.01 -8.64 -40.99
N ILE B 185 -14.44 -7.44 -41.00
CA ILE B 185 -14.64 -6.52 -42.09
C ILE B 185 -13.98 -7.05 -43.39
N GLU B 186 -12.92 -7.85 -43.26
CA GLU B 186 -12.22 -8.43 -44.41
C GLU B 186 -12.79 -9.79 -44.87
N GLY B 187 -13.78 -10.29 -44.13
CA GLY B 187 -14.53 -11.49 -44.54
C GLY B 187 -13.78 -12.79 -44.30
N LYS B 188 -12.90 -12.79 -43.32
CA LYS B 188 -12.13 -13.99 -43.00
C LYS B 188 -12.88 -14.82 -41.97
N THR B 189 -12.51 -16.09 -41.84
CA THR B 189 -13.01 -16.91 -40.75
C THR B 189 -12.58 -16.26 -39.43
N HIS B 190 -13.51 -16.23 -38.47
CA HIS B 190 -13.23 -15.60 -37.19
C HIS B 190 -13.44 -16.57 -36.04
N ASP B 191 -12.88 -16.24 -34.87
CA ASP B 191 -13.02 -17.05 -33.68
C ASP B 191 -13.44 -16.18 -32.50
N GLU B 192 -13.28 -16.70 -31.29
CA GLU B 192 -13.67 -15.97 -30.07
C GLU B 192 -12.88 -14.68 -29.85
N LYS B 193 -11.75 -14.52 -30.53
CA LYS B 193 -10.90 -13.33 -30.34
C LYS B 193 -11.50 -12.05 -30.94
N VAL B 194 -12.60 -12.18 -31.70
CA VAL B 194 -13.36 -11.00 -32.11
C VAL B 194 -13.82 -10.22 -30.87
N ASP B 195 -14.17 -10.93 -29.80
CA ASP B 195 -14.65 -10.26 -28.59
C ASP B 195 -13.54 -9.49 -27.88
N LEU B 196 -12.29 -9.94 -28.06
CA LEU B 196 -11.13 -9.25 -27.48
CA LEU B 196 -11.15 -9.24 -27.46
C LEU B 196 -10.93 -7.90 -28.15
N TRP B 197 -11.00 -7.90 -29.48
CA TRP B 197 -10.94 -6.67 -30.25
C TRP B 197 -12.05 -5.72 -29.81
N CYS B 198 -13.31 -6.18 -29.82
CA CYS B 198 -14.43 -5.32 -29.49
C CYS B 198 -14.32 -4.75 -28.06
N ALA B 199 -13.78 -5.56 -27.15
CA ALA B 199 -13.45 -5.10 -25.79
C ALA B 199 -12.48 -3.93 -25.81
N GLY B 200 -11.48 -3.99 -26.70
CA GLY B 200 -10.53 -2.88 -26.84
C GLY B 200 -11.21 -1.62 -27.38
N VAL B 201 -12.10 -1.81 -28.36
CA VAL B 201 -12.81 -0.66 -28.94
C VAL B 201 -13.71 -0.04 -27.87
N LEU B 202 -14.35 -0.90 -27.08
CA LEU B 202 -15.24 -0.46 -26.02
C LEU B 202 -14.49 0.36 -24.96
N CYS B 203 -13.30 -0.12 -24.59
CA CYS B 203 -12.49 0.59 -23.61
C CYS B 203 -12.14 1.98 -24.12
N TYR B 204 -11.75 2.06 -25.38
CA TYR B 204 -11.42 3.34 -25.99
C TYR B 204 -12.63 4.26 -25.96
N GLU B 205 -13.78 3.76 -26.38
CA GLU B 205 -14.99 4.62 -26.42
C GLU B 205 -15.43 5.10 -25.04
N PHE B 206 -15.36 4.23 -24.03
CA PHE B 206 -15.64 4.64 -22.65
C PHE B 206 -14.79 5.84 -22.24
N LEU B 207 -13.48 5.75 -22.50
CA LEU B 207 -12.53 6.74 -22.04
C LEU B 207 -12.43 7.97 -22.92
N VAL B 208 -12.74 7.80 -24.21
CA VAL B 208 -12.56 8.85 -25.21
C VAL B 208 -13.88 9.56 -25.55
N GLY B 209 -14.98 8.82 -25.53
CA GLY B 209 -16.30 9.37 -25.85
C GLY B 209 -16.71 9.16 -27.30
N MET B 210 -15.79 8.67 -28.11
CA MET B 210 -16.07 8.27 -29.49
C MET B 210 -15.27 7.00 -29.83
N PRO B 211 -15.76 6.17 -30.78
CA PRO B 211 -14.96 5.01 -31.19
C PRO B 211 -13.66 5.42 -31.93
N PRO B 212 -12.62 4.56 -31.88
CA PRO B 212 -11.27 4.93 -32.36
C PRO B 212 -11.12 5.16 -33.85
N PHE B 213 -11.99 4.57 -34.66
CA PHE B 213 -11.81 4.66 -36.10
C PHE B 213 -12.93 5.43 -36.78
N ASP B 214 -13.65 6.22 -35.99
CA ASP B 214 -14.70 7.11 -36.51
C ASP B 214 -14.15 7.95 -37.67
N SER B 215 -14.90 8.00 -38.76
CA SER B 215 -14.50 8.75 -39.95
C SER B 215 -15.74 9.24 -40.71
N PRO B 216 -15.58 10.28 -41.55
CA PRO B 216 -16.72 10.72 -42.38
C PRO B 216 -17.19 9.67 -43.38
N SER B 217 -16.26 8.93 -43.98
CA SER B 217 -16.60 7.97 -45.02
C SER B 217 -16.40 6.54 -44.54
N HIS B 218 -17.17 5.61 -45.11
CA HIS B 218 -16.96 4.19 -44.81
C HIS B 218 -15.60 3.70 -45.26
N THR B 219 -15.15 4.16 -46.44
CA THR B 219 -13.86 3.73 -46.98
C THR B 219 -12.73 4.06 -46.01
N GLU B 220 -12.79 5.25 -45.41
CA GLU B 220 -11.80 5.67 -44.43
C GLU B 220 -11.91 4.84 -43.15
N THR B 221 -13.13 4.57 -42.67
CA THR B 221 -13.31 3.74 -41.46
C THR B 221 -12.74 2.34 -41.72
N HIS B 222 -13.10 1.74 -42.85
CA HIS B 222 -12.54 0.44 -43.24
C HIS B 222 -11.01 0.48 -43.23
N ARG B 223 -10.44 1.48 -43.89
CA ARG B 223 -8.98 1.66 -43.92
C ARG B 223 -8.34 1.77 -42.52
N ARG B 224 -8.97 2.53 -41.65
CA ARG B 224 -8.41 2.74 -40.31
C ARG B 224 -8.47 1.48 -39.45
N ILE B 225 -9.57 0.73 -39.57
CA ILE B 225 -9.71 -0.56 -38.87
C ILE B 225 -8.64 -1.54 -39.32
N VAL B 226 -8.53 -1.79 -40.64
CA VAL B 226 -7.61 -2.82 -41.12
C VAL B 226 -6.13 -2.44 -41.00
N ASN B 227 -5.85 -1.14 -40.88
CA ASN B 227 -4.49 -0.68 -40.59
C ASN B 227 -4.26 -0.31 -39.13
N VAL B 228 -5.29 -0.56 -38.30
CA VAL B 228 -5.26 -0.24 -36.87
C VAL B 228 -4.72 1.18 -36.64
N ASP B 229 -5.34 2.13 -37.33
CA ASP B 229 -4.89 3.52 -37.31
C ASP B 229 -5.36 4.24 -36.04
N LEU B 230 -4.73 3.91 -34.91
CA LEU B 230 -5.07 4.53 -33.63
C LEU B 230 -4.48 5.93 -33.47
N LYS B 231 -5.31 6.88 -33.07
CA LYS B 231 -4.86 8.22 -32.75
C LYS B 231 -5.36 8.53 -31.34
N PHE B 232 -4.63 8.03 -30.34
CA PHE B 232 -5.01 8.22 -28.94
C PHE B 232 -5.00 9.71 -28.60
N PRO B 233 -6.09 10.22 -28.01
CA PRO B 233 -6.06 11.60 -27.52
C PRO B 233 -5.05 11.81 -26.40
N PRO B 234 -4.45 13.02 -26.33
CA PRO B 234 -3.48 13.34 -25.28
C PRO B 234 -4.00 13.22 -23.84
N PHE B 235 -5.31 13.18 -23.64
CA PHE B 235 -5.84 13.11 -22.28
C PHE B 235 -5.88 11.71 -21.64
N LEU B 236 -5.61 10.68 -22.44
CA LEU B 236 -5.57 9.31 -21.92
C LEU B 236 -4.29 9.03 -21.13
N SER B 237 -4.42 8.28 -20.04
CA SER B 237 -3.28 7.86 -19.24
C SER B 237 -2.45 6.82 -19.99
N ASP B 238 -1.19 6.66 -19.58
CA ASP B 238 -0.33 5.61 -20.14
C ASP B 238 -0.93 4.21 -19.95
N GLY B 239 -1.47 3.94 -18.76
CA GLY B 239 -2.06 2.64 -18.46
C GLY B 239 -3.21 2.25 -19.38
N SER B 240 -4.13 3.19 -19.61
CA SER B 240 -5.27 2.93 -20.50
C SER B 240 -4.85 2.68 -21.94
N LYS B 241 -3.93 3.50 -22.45
CA LYS B 241 -3.39 3.32 -23.80
C LYS B 241 -2.67 1.97 -23.92
N ASP B 242 -1.93 1.56 -22.89
CA ASP B 242 -1.28 0.24 -22.89
C ASP B 242 -2.30 -0.87 -23.07
N LEU B 243 -3.36 -0.84 -22.27
CA LEU B 243 -4.37 -1.89 -22.36
C LEU B 243 -5.03 -1.93 -23.73
N ILE B 244 -5.46 -0.77 -24.22
CA ILE B 244 -6.14 -0.69 -25.54
C ILE B 244 -5.20 -1.15 -26.65
N SER B 245 -3.94 -0.70 -26.60
CA SER B 245 -2.97 -1.08 -27.63
CA SER B 245 -2.94 -1.07 -27.59
C SER B 245 -2.68 -2.58 -27.63
N LYS B 246 -2.89 -3.23 -26.49
CA LYS B 246 -2.66 -4.68 -26.40
C LYS B 246 -3.88 -5.50 -26.83
N LEU B 247 -5.06 -4.89 -26.80
CA LEU B 247 -6.28 -5.54 -27.29
C LEU B 247 -6.51 -5.33 -28.77
N LEU B 248 -6.26 -4.10 -29.25
CA LEU B 248 -6.48 -3.79 -30.66
C LEU B 248 -5.31 -4.21 -31.55
N ARG B 249 -5.11 -5.51 -31.68
CA ARG B 249 -4.07 -6.07 -32.55
C ARG B 249 -4.72 -6.61 -33.80
N TYR B 250 -4.14 -6.30 -34.96
CA TYR B 250 -4.66 -6.85 -36.21
C TYR B 250 -4.71 -8.39 -36.20
N HIS B 251 -3.62 -9.01 -35.79
CA HIS B 251 -3.46 -10.47 -35.79
C HIS B 251 -4.16 -10.99 -34.53
N PRO B 252 -5.28 -11.72 -34.70
CA PRO B 252 -6.07 -12.14 -33.54
C PRO B 252 -5.28 -12.80 -32.38
N PRO B 253 -4.39 -13.79 -32.65
CA PRO B 253 -3.68 -14.44 -31.54
C PRO B 253 -2.77 -13.54 -30.70
N GLN B 254 -2.45 -12.35 -31.22
CA GLN B 254 -1.65 -11.38 -30.45
C GLN B 254 -2.44 -10.62 -29.39
N ARG B 255 -3.77 -10.70 -29.45
CA ARG B 255 -4.62 -9.89 -28.58
C ARG B 255 -4.48 -10.35 -27.14
N LEU B 256 -4.41 -9.39 -26.22
CA LEU B 256 -4.33 -9.70 -24.79
C LEU B 256 -5.50 -10.60 -24.35
N PRO B 257 -5.21 -11.79 -23.78
CA PRO B 257 -6.33 -12.63 -23.32
C PRO B 257 -7.15 -11.96 -22.24
N LEU B 258 -8.41 -12.38 -22.11
CA LEU B 258 -9.31 -11.85 -21.08
C LEU B 258 -8.72 -11.92 -19.68
N LYS B 259 -8.02 -13.01 -19.38
CA LYS B 259 -7.31 -13.15 -18.09
C LYS B 259 -6.33 -11.98 -17.93
N GLY B 260 -5.63 -11.63 -19.01
CA GLY B 260 -4.65 -10.56 -18.99
C GLY B 260 -5.27 -9.19 -18.83
N VAL B 261 -6.51 -9.04 -19.28
CA VAL B 261 -7.27 -7.80 -19.08
C VAL B 261 -7.59 -7.66 -17.60
N MET B 262 -8.11 -8.72 -16.99
CA MET B 262 -8.47 -8.67 -15.56
C MET B 262 -7.25 -8.44 -14.68
N GLU B 263 -6.10 -8.94 -15.12
CA GLU B 263 -4.83 -8.79 -14.40
C GLU B 263 -4.02 -7.54 -14.79
N HIS B 264 -4.46 -6.81 -15.80
CA HIS B 264 -3.70 -5.64 -16.29
C HIS B 264 -3.51 -4.59 -15.18
N PRO B 265 -2.27 -4.06 -15.02
CA PRO B 265 -2.01 -3.10 -13.93
C PRO B 265 -3.00 -1.93 -13.84
N TRP B 266 -3.43 -1.42 -14.99
CA TRP B 266 -4.37 -0.31 -15.02
C TRP B 266 -5.77 -0.73 -14.54
N VAL B 267 -6.22 -1.91 -14.94
CA VAL B 267 -7.49 -2.45 -14.43
C VAL B 267 -7.43 -2.70 -12.92
N LYS B 268 -6.36 -3.34 -12.46
CA LYS B 268 -6.19 -3.65 -11.04
C LYS B 268 -6.16 -2.38 -10.20
N ALA B 269 -5.43 -1.37 -10.68
CA ALA B 269 -5.30 -0.11 -9.94
C ALA B 269 -6.60 0.70 -9.86
N ASN B 270 -7.43 0.61 -10.90
CA ASN B 270 -8.57 1.52 -11.04
C ASN B 270 -9.96 0.93 -10.89
N SER B 271 -10.09 -0.39 -11.05
CA SER B 271 -11.39 -1.05 -10.89
C SER B 271 -11.91 -0.93 -9.46
N ARG B 272 -13.19 -0.59 -9.33
CA ARG B 272 -13.86 -0.56 -8.03
C ARG B 272 -15.06 -1.52 -8.11
N ARG B 273 -14.81 -2.70 -8.66
CA ARG B 273 -15.89 -3.64 -8.94
C ARG B 273 -16.51 -4.19 -7.66
N VAL B 274 -17.84 -4.28 -7.67
CA VAL B 274 -18.56 -4.90 -6.57
CA VAL B 274 -18.61 -4.85 -6.57
C VAL B 274 -19.42 -6.05 -7.09
N LEU B 275 -19.37 -7.17 -6.37
CA LEU B 275 -20.18 -8.34 -6.75
C LEU B 275 -21.55 -8.18 -6.12
N PRO B 276 -22.61 -8.52 -6.87
CA PRO B 276 -23.96 -8.50 -6.27
C PRO B 276 -24.02 -9.37 -5.01
N PRO B 277 -24.74 -8.89 -3.98
CA PRO B 277 -24.90 -9.59 -2.71
C PRO B 277 -25.31 -11.04 -2.85
N VAL B 278 -24.83 -11.84 -1.90
CA VAL B 278 -25.23 -13.23 -1.75
C VAL B 278 -26.50 -13.28 -0.89
N TYR B 279 -26.99 -14.48 -0.62
CA TYR B 279 -28.19 -14.65 0.18
C TYR B 279 -27.99 -14.22 1.63
N GLN B 280 -29.06 -13.70 2.22
CA GLN B 280 -29.07 -13.26 3.61
C GLN B 280 -29.88 -14.24 4.44
N SER B 281 -31.01 -14.66 3.88
CA SER B 281 -31.93 -15.59 4.49
C SER B 281 -32.52 -16.46 3.38
N PRO C 1 -53.91 4.67 -14.32
CA PRO C 1 -52.54 5.05 -14.04
C PRO C 1 -51.59 3.85 -13.89
N ILE C 2 -50.31 4.13 -13.65
CA ILE C 2 -49.30 3.10 -13.40
C ILE C 2 -49.59 2.44 -12.04
N PRO C 3 -49.55 1.09 -11.98
CA PRO C 3 -49.75 0.37 -10.71
C PRO C 3 -48.81 0.90 -9.64
N ALA C 4 -49.31 0.96 -8.39
CA ALA C 4 -48.53 1.50 -7.27
C ALA C 4 -47.13 0.90 -7.10
N TRP C 5 -47.02 -0.43 -7.23
CA TRP C 5 -45.75 -1.12 -7.03
C TRP C 5 -44.70 -0.65 -8.03
N ALA C 6 -45.15 -0.18 -9.18
CA ALA C 6 -44.29 0.27 -10.27
C ALA C 6 -44.09 1.78 -10.27
N SER C 7 -44.76 2.47 -9.36
CA SER C 7 -44.61 3.93 -9.21
C SER C 7 -43.19 4.25 -8.73
N GLY C 8 -42.57 5.23 -9.37
CA GLY C 8 -41.19 5.63 -9.10
C GLY C 8 -40.69 5.38 -7.68
N ASN C 9 -41.34 6.01 -6.71
CA ASN C 9 -40.87 5.96 -5.33
C ASN C 9 -41.00 4.59 -4.64
N LEU C 10 -42.06 3.86 -4.95
CA LEU C 10 -42.22 2.50 -4.41
C LEU C 10 -41.26 1.53 -5.12
N LEU C 11 -41.09 1.74 -6.41
CA LEU C 11 -40.23 0.89 -7.22
C LEU C 11 -38.77 0.90 -6.74
N THR C 12 -38.22 2.10 -6.53
CA THR C 12 -36.83 2.28 -6.08
CA THR C 12 -36.82 2.22 -6.12
C THR C 12 -36.57 1.47 -4.81
N GLN C 13 -37.55 1.51 -3.91
CA GLN C 13 -37.48 0.83 -2.63
C GLN C 13 -37.50 -0.69 -2.79
N ALA C 14 -38.43 -1.19 -3.62
CA ALA C 14 -38.53 -2.62 -3.89
C ALA C 14 -37.28 -3.16 -4.62
N ILE C 15 -36.74 -2.38 -5.53
CA ILE C 15 -35.53 -2.77 -6.27
C ILE C 15 -34.34 -2.91 -5.32
N ARG C 16 -34.18 -1.94 -4.42
CA ARG C 16 -33.13 -1.94 -3.42
C ARG C 16 -33.17 -3.20 -2.55
N GLN C 17 -34.34 -3.48 -1.97
CA GLN C 17 -34.53 -4.66 -1.12
C GLN C 17 -34.27 -5.96 -1.88
N GLN C 18 -34.65 -5.97 -3.16
CA GLN C 18 -34.42 -7.10 -4.05
C GLN C 18 -32.93 -7.30 -4.33
N TYR C 19 -32.18 -6.21 -4.42
CA TYR C 19 -30.73 -6.27 -4.61
C TYR C 19 -29.98 -6.81 -3.38
N TYR C 20 -30.34 -6.32 -2.20
CA TYR C 20 -29.68 -6.72 -0.96
C TYR C 20 -30.20 -8.03 -0.35
N LYS C 21 -31.45 -8.37 -0.67
CA LYS C 21 -32.06 -9.63 -0.22
C LYS C 21 -32.57 -10.43 -1.41
N PRO C 22 -31.65 -10.93 -2.26
CA PRO C 22 -32.12 -11.66 -3.44
C PRO C 22 -32.62 -13.05 -3.07
N ILE C 23 -33.52 -13.60 -3.87
CA ILE C 23 -33.98 -14.98 -3.68
C ILE C 23 -33.27 -15.89 -4.69
N ASP C 24 -33.41 -17.20 -4.51
CA ASP C 24 -32.75 -18.17 -5.38
C ASP C 24 -33.53 -18.32 -6.68
N VAL C 25 -33.16 -17.51 -7.68
CA VAL C 25 -33.83 -17.51 -8.98
C VAL C 25 -33.58 -18.81 -9.77
N ASP C 26 -32.48 -19.49 -9.48
CA ASP C 26 -32.17 -20.76 -10.11
C ASP C 26 -33.19 -21.82 -9.74
N ARG C 27 -33.57 -21.86 -8.47
CA ARG C 27 -34.57 -22.82 -8.02
CA ARG C 27 -34.57 -22.80 -7.97
C ARG C 27 -35.98 -22.33 -8.32
N MET C 28 -36.25 -21.06 -8.05
CA MET C 28 -37.60 -20.50 -8.26
C MET C 28 -38.01 -20.41 -9.72
N TYR C 29 -37.07 -20.07 -10.60
CA TYR C 29 -37.38 -19.87 -12.02
C TYR C 29 -36.65 -20.84 -12.94
N GLY C 30 -35.39 -21.11 -12.61
CA GLY C 30 -34.54 -21.99 -13.40
C GLY C 30 -34.99 -23.43 -13.47
N THR C 31 -35.57 -23.94 -12.38
CA THR C 31 -36.02 -25.34 -12.33
C THR C 31 -37.38 -25.57 -12.98
N ILE C 32 -38.12 -24.48 -13.22
CA ILE C 32 -39.45 -24.56 -13.83
C ILE C 32 -39.33 -24.91 -15.31
N ASP C 33 -40.20 -25.80 -15.76
CA ASP C 33 -40.20 -26.27 -17.15
C ASP C 33 -40.39 -25.11 -18.14
N SER C 34 -39.86 -25.31 -19.34
CA SER C 34 -39.97 -24.34 -20.43
C SER C 34 -40.55 -25.06 -21.65
N PRO C 35 -41.20 -24.32 -22.56
CA PRO C 35 -41.61 -25.02 -23.78
C PRO C 35 -40.39 -25.41 -24.59
N LYS C 36 -40.50 -26.48 -25.37
CA LYS C 36 -39.45 -26.84 -26.33
C LYS C 36 -39.39 -25.76 -27.38
N LEU C 37 -38.16 -25.45 -27.83
CA LEU C 37 -37.93 -24.39 -28.82
C LEU C 37 -38.62 -24.69 -30.16
N GLU C 38 -38.72 -25.96 -30.51
CA GLU C 38 -39.50 -26.40 -31.67
C GLU C 38 -40.94 -25.90 -31.59
N GLU C 39 -41.54 -26.02 -30.39
CA GLU C 39 -42.93 -25.68 -30.14
C GLU C 39 -43.24 -24.19 -30.29
N LEU C 40 -42.21 -23.35 -30.16
CA LEU C 40 -42.37 -21.90 -30.28
C LEU C 40 -42.64 -21.45 -31.72
N PHE C 41 -42.04 -22.15 -32.68
CA PHE C 41 -42.11 -21.78 -34.09
C PHE C 41 -42.70 -22.88 -34.96
N ILE D 2 32.53 36.11 21.83
CA ILE D 2 31.29 35.29 21.63
C ILE D 2 30.13 36.18 21.16
N PRO D 3 29.56 35.87 19.96
CA PRO D 3 28.38 36.57 19.45
C PRO D 3 27.20 36.50 20.42
N ALA D 4 26.28 37.45 20.32
CA ALA D 4 25.16 37.57 21.25
C ALA D 4 24.31 36.30 21.33
N TRP D 5 24.02 35.70 20.18
CA TRP D 5 23.14 34.51 20.12
C TRP D 5 23.68 33.30 20.87
N ALA D 6 25.00 33.25 21.08
CA ALA D 6 25.65 32.06 21.60
C ALA D 6 25.93 32.09 23.11
N SER D 7 25.27 33.01 23.82
CA SER D 7 25.45 33.10 25.27
C SER D 7 24.20 33.58 26.01
N GLY D 8 24.12 33.24 27.29
CA GLY D 8 23.08 33.75 28.19
C GLY D 8 21.67 33.29 27.85
N ASN D 9 20.71 34.19 28.05
CA ASN D 9 19.31 33.86 27.81
C ASN D 9 18.88 33.98 26.35
N LEU D 10 19.68 34.64 25.52
CA LEU D 10 19.46 34.63 24.06
C LEU D 10 19.65 33.21 23.54
N LEU D 11 20.69 32.55 24.04
CA LEU D 11 20.93 31.14 23.74
C LEU D 11 19.85 30.25 24.37
N THR D 12 19.61 30.41 25.67
CA THR D 12 18.57 29.66 26.39
C THR D 12 17.24 29.71 25.63
N GLN D 13 16.86 30.92 25.24
CA GLN D 13 15.60 31.15 24.52
C GLN D 13 15.55 30.39 23.20
N ALA D 14 16.64 30.45 22.43
CA ALA D 14 16.72 29.79 21.13
C ALA D 14 16.66 28.27 21.29
N ILE D 15 17.39 27.77 22.29
CA ILE D 15 17.41 26.34 22.62
C ILE D 15 16.02 25.83 23.02
N ARG D 16 15.31 26.60 23.86
CA ARG D 16 13.94 26.23 24.26
C ARG D 16 13.03 26.18 23.05
N GLN D 17 13.10 27.21 22.20
CA GLN D 17 12.29 27.26 20.98
C GLN D 17 12.52 26.05 20.09
N GLN D 18 13.79 25.63 20.00
CA GLN D 18 14.18 24.50 19.16
C GLN D 18 13.63 23.15 19.65
N TYR D 19 13.60 22.98 20.98
CA TYR D 19 13.06 21.77 21.61
C TYR D 19 11.56 21.64 21.38
N TYR D 20 10.84 22.76 21.53
CA TYR D 20 9.38 22.77 21.42
C TYR D 20 8.86 22.96 20.00
N LYS D 21 9.66 23.56 19.14
CA LYS D 21 9.31 23.64 17.72
C LYS D 21 10.44 23.02 16.87
N PRO D 22 10.55 21.67 16.89
CA PRO D 22 11.60 21.01 16.12
C PRO D 22 11.37 21.12 14.62
N ILE D 23 12.42 21.42 13.86
CA ILE D 23 12.29 21.45 12.40
C ILE D 23 12.42 20.05 11.82
N ASP D 24 12.09 19.92 10.53
CA ASP D 24 12.21 18.66 9.83
C ASP D 24 13.66 18.44 9.41
N VAL D 25 14.48 17.94 10.33
CA VAL D 25 15.92 17.75 10.08
C VAL D 25 16.19 16.70 9.00
N ASP D 26 15.31 15.70 8.90
CA ASP D 26 15.42 14.66 7.87
C ASP D 26 15.36 15.29 6.47
N ARG D 27 14.42 16.20 6.28
CA ARG D 27 14.26 16.94 5.04
C ARG D 27 15.29 18.06 4.91
N MET D 28 15.44 18.86 5.96
CA MET D 28 16.30 20.04 5.93
C MET D 28 17.79 19.73 5.80
N TYR D 29 18.23 18.62 6.40
CA TYR D 29 19.64 18.24 6.39
C TYR D 29 19.90 16.86 5.82
N GLY D 30 19.02 15.92 6.12
CA GLY D 30 19.19 14.52 5.72
C GLY D 30 19.00 14.24 4.25
N THR D 31 18.36 15.17 3.54
CA THR D 31 18.13 15.04 2.10
C THR D 31 19.25 15.69 1.29
N ILE D 32 19.94 16.66 1.90
CA ILE D 32 21.05 17.37 1.25
C ILE D 32 22.24 16.42 1.02
N ASP D 33 22.86 16.55 -0.14
CA ASP D 33 23.95 15.68 -0.55
C ASP D 33 25.10 15.69 0.46
N SER D 34 25.72 14.52 0.62
CA SER D 34 26.90 14.39 1.46
C SER D 34 28.07 13.86 0.63
N PRO D 35 29.31 14.22 1.00
CA PRO D 35 30.46 13.63 0.30
C PRO D 35 30.51 12.12 0.55
N LYS D 36 30.92 11.37 -0.47
CA LYS D 36 31.14 9.94 -0.32
C LYS D 36 32.22 9.73 0.74
N LEU D 37 31.99 8.79 1.65
CA LEU D 37 32.94 8.51 2.73
C LEU D 37 34.32 8.16 2.19
N GLU D 38 34.34 7.55 1.00
CA GLU D 38 35.56 7.25 0.27
C GLU D 38 36.35 8.52 -0.08
N GLU D 39 35.62 9.59 -0.36
CA GLU D 39 36.20 10.84 -0.86
C GLU D 39 36.60 11.83 0.24
N LEU D 40 36.24 11.52 1.49
CA LEU D 40 36.49 12.41 2.63
C LEU D 40 37.95 12.79 2.87
N PHE D 41 38.87 11.95 2.41
CA PHE D 41 40.31 12.23 2.52
C PHE D 41 40.93 12.60 1.17
N ASN D 42 40.07 12.86 0.19
CA ASN D 42 40.48 13.25 -1.15
C ASN D 42 40.15 14.72 -1.44
N LYS D 43 40.23 15.12 -2.70
CA LYS D 43 39.95 16.49 -3.13
C LYS D 43 38.56 16.97 -2.70
N SER D 44 38.46 18.25 -2.35
CA SER D 44 37.21 18.85 -1.90
C SER D 44 36.53 19.66 -3.01
#